data_3AXL
#
_entry.id   3AXL
#
_cell.length_a   148.841
_cell.length_b   65.801
_cell.length_c   97.375
_cell.angle_alpha   90.00
_cell.angle_beta   97.14
_cell.angle_gamma   90.00
#
_symmetry.space_group_name_H-M   'C 1 2 1'
#
loop_
_entity.id
_entity.type
_entity.pdbx_description
1 polymer 'Valpha 10'
2 polymer 'Vbeta 8.1'
3 water water
#
loop_
_entity_poly.entity_id
_entity_poly.type
_entity_poly.pdbx_seq_one_letter_code
_entity_poly.pdbx_strand_id
1 'polypeptide(L)'
;QVEQSPASLVLQEGENAELQCTYSTTLNSMQWFYQRPGGRLVSLLYSPSWAEQRGGRLTSSAASNESRSSLHISSSQITD
SGTYLCAIASSSFSKLVFGQGTSLSVVPNIQNPDPAVYQLRDSKSSDKSVCLFTDFDSQTNVSQSKDSDVYITDKCVLDM
RSMDFKSNSAVAWSNKSDFACANAFNNSIIPEDTFFPS
;
A,G
2 'polypeptide(L)'
;AVTQSPRSKVAVTGGKVTLSCHQTNNHDYMYWYRQDTGHGLRLIHYSYVADSTEKGDIPDGYKASRPSQENFSLILELAS
LSQTAVYFCASRLGGYEQYFGPGTRLTVLEDLKNVFPPEVAVFEPSEAEISHTQKATLVCLATGFYPDHVELSWWVNGKE
VHSGVCTDPQPLKEQPALNDSRYALSSRLRVSATFWQNPRNHFRCQVQFYGLSENDEWTQDRAKPVTQIVSAEAWGRA
;
B,H
#
# COMPACT_ATOMS: atom_id res chain seq x y z
N GLN A 1 4.06 -19.28 17.10
CA GLN A 1 3.46 -19.27 18.43
C GLN A 1 2.90 -17.89 18.77
N VAL A 2 3.60 -16.85 18.31
CA VAL A 2 3.24 -15.45 18.59
C VAL A 2 2.58 -14.84 17.38
N GLU A 3 1.46 -14.16 17.60
CA GLU A 3 0.64 -13.63 16.52
C GLU A 3 0.23 -12.19 16.72
N GLN A 4 0.56 -11.34 15.76
CA GLN A 4 0.22 -9.94 15.92
C GLN A 4 -0.89 -9.49 15.00
N SER A 5 -1.57 -8.41 15.40
CA SER A 5 -2.75 -7.98 14.65
C SER A 5 -3.01 -6.50 14.84
N PRO A 6 -3.30 -5.78 13.73
CA PRO A 6 -3.44 -6.32 12.39
C PRO A 6 -2.05 -6.44 11.85
N ALA A 7 -1.89 -6.69 10.54
CA ALA A 7 -0.54 -6.70 9.96
C ALA A 7 -0.04 -5.27 9.75
N SER A 8 -0.98 -4.38 9.47
CA SER A 8 -0.63 -3.02 9.13
C SER A 8 -1.92 -2.21 9.27
N LEU A 9 -1.78 -0.92 9.59
CA LEU A 9 -2.90 0.00 9.54
C LEU A 9 -2.48 1.45 9.40
N VAL A 10 -3.42 2.27 8.94
CA VAL A 10 -3.17 3.68 8.73
C VAL A 10 -4.24 4.47 9.44
N LEU A 11 -3.86 5.37 10.35
CA LEU A 11 -4.82 6.29 10.97
C LEU A 11 -4.43 7.72 10.95
N GLN A 12 -5.42 8.57 11.19
CA GLN A 12 -5.20 10.01 11.20
C GLN A 12 -4.55 10.30 12.53
N GLU A 13 -3.62 11.26 12.59
CA GLU A 13 -3.05 11.61 13.88
C GLU A 13 -4.19 11.94 14.83
N GLY A 14 -4.01 11.61 16.09
CA GLY A 14 -4.99 11.95 17.10
C GLY A 14 -5.87 10.79 17.49
N GLU A 15 -5.95 9.80 16.62
CA GLU A 15 -6.78 8.63 16.90
C GLU A 15 -6.04 7.68 17.81
N ASN A 16 -6.76 6.87 18.56
CA ASN A 16 -6.11 5.95 19.47
C ASN A 16 -5.90 4.64 18.74
N ALA A 17 -4.91 3.86 19.13
CA ALA A 17 -4.52 2.68 18.37
C ALA A 17 -4.32 1.44 19.23
N GLU A 18 -4.99 0.33 18.93
CA GLU A 18 -4.83 -0.89 19.73
C GLU A 18 -4.23 -2.01 18.89
N LEU A 19 -3.02 -2.42 19.26
CA LEU A 19 -2.33 -3.48 18.52
C LEU A 19 -2.42 -4.74 19.36
N GLN A 20 -2.23 -5.89 18.72
CA GLN A 20 -2.53 -7.17 19.37
C GLN A 20 -1.36 -8.13 19.29
N CYS A 21 -1.17 -8.88 20.36
CA CYS A 21 -0.20 -9.95 20.42
C CYS A 21 -0.91 -11.09 21.09
N THR A 22 -0.73 -12.29 20.55
CA THR A 22 -1.40 -13.48 21.06
C THR A 22 -0.40 -14.60 21.12
N TYR A 23 -0.22 -15.17 22.30
CA TYR A 23 0.75 -16.27 22.42
C TYR A 23 0.10 -17.61 22.67
N SER A 24 0.80 -18.66 22.28
CA SER A 24 0.27 -20.01 22.43
C SER A 24 0.20 -20.50 23.89
N THR A 25 1.33 -20.49 24.58
CA THR A 25 1.33 -21.09 25.92
C THR A 25 1.23 -20.06 27.04
N THR A 26 1.63 -20.48 28.24
CA THR A 26 1.84 -19.58 29.35
C THR A 26 3.15 -18.81 29.12
N LEU A 27 3.08 -17.48 29.11
CA LEU A 27 4.30 -16.69 28.95
C LEU A 27 4.90 -16.59 30.31
N ASN A 28 5.90 -15.72 30.42
CA ASN A 28 6.52 -15.38 31.69
C ASN A 28 6.54 -13.87 31.74
N SER A 29 7.10 -13.28 30.69
CA SER A 29 7.14 -11.84 30.55
C SER A 29 6.89 -11.55 29.09
N MET A 30 6.64 -10.29 28.76
CA MET A 30 6.40 -9.93 27.37
C MET A 30 6.77 -8.47 27.08
N GLN A 31 7.56 -8.27 26.04
CA GLN A 31 8.10 -6.94 25.73
C GLN A 31 7.62 -6.42 24.38
N TRP A 32 7.31 -5.13 24.30
CA TRP A 32 7.05 -4.53 23.00
C TRP A 32 8.21 -3.62 22.62
N PHE A 33 8.68 -3.82 21.38
CA PHE A 33 9.66 -2.95 20.75
C PHE A 33 9.11 -2.19 19.54
N TYR A 34 9.85 -1.16 19.10
CA TYR A 34 9.45 -0.26 18.03
C TYR A 34 10.63 0.14 17.19
N GLN A 35 10.43 0.18 15.89
CA GLN A 35 11.55 0.43 14.99
C GLN A 35 11.10 1.09 13.70
N ARG A 36 11.57 2.30 13.45
CA ARG A 36 11.34 2.92 12.14
C ARG A 36 12.19 2.22 11.07
N PRO A 37 11.77 2.29 9.79
CA PRO A 37 12.69 1.68 8.83
C PRO A 37 14.03 2.42 8.91
N GLY A 38 15.12 1.68 9.01
CA GLY A 38 16.45 2.26 9.09
C GLY A 38 16.94 2.34 10.51
N GLY A 39 16.02 2.57 11.44
CA GLY A 39 16.35 2.73 12.86
C GLY A 39 16.68 1.42 13.57
N ARG A 40 16.80 1.49 14.90
CA ARG A 40 17.14 0.32 15.72
C ARG A 40 15.97 -0.04 16.64
N LEU A 41 16.14 -1.14 17.36
CA LEU A 41 15.02 -1.69 18.12
C LEU A 41 14.87 -1.07 19.50
N VAL A 42 13.87 -0.23 19.64
CA VAL A 42 13.60 0.42 20.91
C VAL A 42 12.60 -0.33 21.80
N SER A 43 13.06 -0.69 23.00
CA SER A 43 12.17 -1.32 23.95
C SER A 43 11.20 -0.30 24.49
N LEU A 44 9.92 -0.49 24.16
CA LEU A 44 8.83 0.38 24.53
C LEU A 44 8.25 -0.03 25.89
N LEU A 45 8.05 -1.34 26.07
CA LEU A 45 7.26 -1.77 27.24
C LEU A 45 7.74 -3.09 27.76
N TYR A 46 7.91 -3.16 29.08
CA TYR A 46 8.11 -4.45 29.69
C TYR A 46 6.94 -4.77 30.59
N GLU A 52 1.06 -2.83 32.36
CA GLU A 52 2.29 -2.03 32.21
C GLU A 52 2.19 -0.68 31.44
N GLN A 53 3.21 0.16 31.63
CA GLN A 53 3.24 1.47 30.99
C GLN A 53 4.62 1.86 30.52
N ARG A 54 4.68 2.98 29.82
CA ARG A 54 5.92 3.64 29.48
C ARG A 54 5.64 5.14 29.44
N GLY A 55 6.10 5.88 30.44
CA GLY A 55 5.85 7.32 30.47
C GLY A 55 4.37 7.70 30.49
N GLY A 56 3.50 6.76 30.11
CA GLY A 56 2.05 6.97 30.19
C GLY A 56 1.20 7.03 28.92
N ARG A 57 1.81 7.34 27.76
CA ARG A 57 1.06 7.58 26.53
C ARG A 57 0.80 6.31 25.75
N LEU A 58 1.53 5.26 26.11
CA LEU A 58 1.31 3.92 25.62
C LEU A 58 1.07 3.08 26.84
N THR A 59 0.23 2.07 26.69
CA THR A 59 -0.07 1.18 27.80
C THR A 59 -0.28 -0.21 27.28
N SER A 60 -0.44 -1.17 28.18
CA SER A 60 -0.62 -2.57 27.76
C SER A 60 -1.57 -3.39 28.67
N SER A 61 -2.06 -4.51 28.15
CA SER A 61 -3.05 -5.34 28.81
C SER A 61 -2.81 -6.80 28.51
N ALA A 62 -3.16 -7.64 29.46
CA ALA A 62 -3.25 -9.07 29.18
C ALA A 62 -4.69 -9.50 29.48
N ALA A 63 -5.03 -10.76 29.23
CA ALA A 63 -6.40 -11.19 29.34
C ALA A 63 -6.52 -12.69 29.54
N SER A 67 -3.99 -16.08 26.08
CA SER A 67 -3.01 -15.09 26.48
C SER A 67 -2.95 -13.94 25.45
N ARG A 68 -3.96 -13.07 25.48
CA ARG A 68 -4.08 -11.97 24.53
C ARG A 68 -3.55 -10.66 25.07
N SER A 69 -2.25 -10.42 24.91
CA SER A 69 -1.67 -9.13 25.24
C SER A 69 -1.99 -8.07 24.20
N SER A 70 -2.23 -6.84 24.60
CA SER A 70 -2.48 -5.81 23.60
C SER A 70 -2.05 -4.42 24.04
N LEU A 71 -1.66 -3.61 23.08
CA LEU A 71 -0.96 -2.35 23.32
C LEU A 71 -1.84 -1.17 22.89
N HIS A 72 -1.94 -0.18 23.75
CA HIS A 72 -2.80 0.95 23.46
C HIS A 72 -1.92 2.18 23.29
N ILE A 73 -2.18 2.88 22.17
CA ILE A 73 -1.50 4.11 21.77
C ILE A 73 -2.45 5.30 21.71
N SER A 74 -2.41 6.12 22.74
CA SER A 74 -3.27 7.31 22.83
C SER A 74 -2.78 8.46 21.94
N SER A 75 -3.72 9.22 21.40
CA SER A 75 -3.41 10.35 20.53
C SER A 75 -2.17 10.15 19.63
N SER A 76 -2.19 9.11 18.80
CA SER A 76 -1.11 8.87 17.85
C SER A 76 -0.72 10.14 17.08
N GLN A 77 0.57 10.26 16.82
CA GLN A 77 1.11 11.40 16.08
C GLN A 77 2.06 10.81 15.07
N ILE A 78 2.31 11.57 14.01
CA ILE A 78 3.11 11.10 12.87
C ILE A 78 4.35 10.33 13.28
N THR A 79 4.99 10.79 14.36
CA THR A 79 6.22 10.19 14.84
C THR A 79 5.95 8.85 15.52
N ASP A 80 4.73 8.34 15.41
CA ASP A 80 4.46 7.03 16.02
C ASP A 80 4.63 5.99 14.95
N SER A 81 4.60 6.46 13.72
CA SER A 81 4.72 5.62 12.56
C SER A 81 5.99 4.78 12.67
N GLY A 82 5.87 3.47 12.46
CA GLY A 82 7.04 2.61 12.47
C GLY A 82 6.59 1.18 12.46
N THR A 83 7.41 0.30 12.98
CA THR A 83 7.05 -1.10 13.12
C THR A 83 6.99 -1.47 14.60
N TYR A 84 5.87 -2.08 15.01
CA TYR A 84 5.71 -2.49 16.39
C TYR A 84 5.80 -4.00 16.53
N LEU A 85 6.73 -4.49 17.33
CA LEU A 85 6.93 -5.93 17.47
C LEU A 85 6.68 -6.39 18.88
N CYS A 86 6.22 -7.62 18.99
CA CYS A 86 5.82 -8.23 20.24
C CYS A 86 6.78 -9.38 20.45
N ALA A 87 7.49 -9.36 21.57
CA ALA A 87 8.35 -10.50 21.94
C ALA A 87 7.86 -11.13 23.24
N ILE A 88 7.76 -12.45 23.25
CA ILE A 88 7.37 -13.16 24.47
C ILE A 88 8.53 -14.03 24.92
N ALA A 89 8.79 -14.03 26.22
CA ALA A 89 9.85 -14.85 26.77
C ALA A 89 9.24 -15.81 27.75
N SER A 90 9.22 -17.10 27.42
CA SER A 90 8.49 -18.10 28.20
C SER A 90 9.22 -18.63 29.45
N SER A 91 10.33 -18.02 29.81
CA SER A 91 10.99 -18.32 31.07
C SER A 91 11.81 -17.10 31.43
N SER A 92 12.40 -17.07 32.60
CA SER A 92 13.24 -15.94 32.93
C SER A 92 14.46 -15.86 31.98
N PHE A 93 14.79 -16.99 31.37
CA PHE A 93 15.98 -17.08 30.52
C PHE A 93 15.78 -17.54 29.05
N SER A 94 14.72 -18.29 28.78
CA SER A 94 14.51 -18.80 27.43
C SER A 94 14.30 -17.63 26.47
N LYS A 95 14.92 -17.75 25.30
CA LYS A 95 14.97 -16.69 24.30
C LYS A 95 13.62 -16.13 23.90
N LEU A 96 13.61 -14.83 23.65
CA LEU A 96 12.41 -14.17 23.16
C LEU A 96 11.97 -14.81 21.86
N VAL A 97 10.66 -14.84 21.65
CA VAL A 97 10.10 -15.26 20.39
C VAL A 97 9.30 -14.08 19.84
N PHE A 98 9.74 -13.54 18.70
CA PHE A 98 9.19 -12.28 18.18
C PHE A 98 8.00 -12.51 17.26
N GLY A 99 6.92 -11.78 17.52
CA GLY A 99 5.77 -11.81 16.63
C GLY A 99 6.20 -11.24 15.30
N GLN A 100 5.27 -11.02 14.39
CA GLN A 100 5.67 -10.59 13.05
C GLN A 100 5.62 -9.08 12.85
N GLY A 101 5.26 -8.35 13.89
CA GLY A 101 5.24 -6.91 13.78
C GLY A 101 3.97 -6.38 13.16
N THR A 102 3.73 -5.11 13.35
CA THR A 102 2.55 -4.47 12.83
C THR A 102 3.07 -3.19 12.25
N SER A 103 2.68 -2.88 11.03
CA SER A 103 3.14 -1.67 10.44
C SER A 103 2.18 -0.57 10.78
N LEU A 104 2.62 0.38 11.60
CA LEU A 104 1.79 1.52 11.90
C LEU A 104 2.16 2.70 11.02
N SER A 105 1.16 3.26 10.37
CA SER A 105 1.32 4.52 9.71
C SER A 105 0.34 5.59 10.22
N VAL A 106 0.86 6.60 10.92
CA VAL A 106 0.09 7.75 11.34
C VAL A 106 0.22 8.92 10.36
N VAL A 107 -0.93 9.44 9.96
CA VAL A 107 -1.05 10.32 8.84
C VAL A 107 -1.77 11.60 9.28
N PRO A 108 -1.13 12.77 9.02
CA PRO A 108 -1.57 14.10 9.46
C PRO A 108 -3.01 14.47 9.09
N ASN A 109 -3.64 15.33 9.88
CA ASN A 109 -4.95 15.91 9.54
C ASN A 109 -4.73 17.22 8.82
N ILE A 110 -4.83 17.20 7.50
CA ILE A 110 -4.57 18.41 6.73
C ILE A 110 -5.83 19.26 6.66
N GLN A 111 -5.82 20.40 7.37
CA GLN A 111 -7.02 21.24 7.52
C GLN A 111 -7.33 21.94 6.22
N ASN A 112 -6.39 22.76 5.77
CA ASN A 112 -6.49 23.49 4.52
C ASN A 112 -5.56 22.87 3.52
N PRO A 113 -6.05 21.83 2.82
CA PRO A 113 -5.19 21.21 1.81
C PRO A 113 -5.00 22.17 0.64
N ASP A 114 -3.85 22.10 0.00
CA ASP A 114 -3.57 23.01 -1.12
C ASP A 114 -2.85 22.31 -2.27
N PRO A 115 -3.44 21.22 -2.80
CA PRO A 115 -2.76 20.38 -3.78
C PRO A 115 -2.02 21.26 -4.77
N ALA A 116 -0.69 21.16 -4.80
CA ALA A 116 0.08 21.96 -5.76
C ALA A 116 1.26 21.18 -6.29
N VAL A 117 1.76 21.62 -7.43
CA VAL A 117 3.01 21.05 -7.93
C VAL A 117 3.91 22.13 -8.48
N TYR A 118 5.13 22.17 -7.97
CA TYR A 118 6.04 23.24 -8.33
C TYR A 118 7.29 22.74 -9.02
N GLN A 119 8.01 23.69 -9.63
CA GLN A 119 9.33 23.41 -10.20
C GLN A 119 10.42 23.99 -9.30
N LEU A 120 11.40 23.15 -8.94
CA LEU A 120 12.52 23.60 -8.13
C LEU A 120 13.80 23.48 -8.94
N ARG A 121 14.43 24.62 -9.24
CA ARG A 121 15.67 24.57 -10.02
C ARG A 121 16.90 24.49 -9.11
N ASP A 122 17.96 23.88 -9.63
CA ASP A 122 19.15 23.59 -8.85
C ASP A 122 19.89 24.86 -8.45
N VAL A 130 14.00 19.70 -10.33
CA VAL A 130 13.12 18.79 -9.59
C VAL A 130 11.65 19.25 -9.51
N CYS A 131 10.73 18.28 -9.44
CA CYS A 131 9.30 18.56 -9.31
C CYS A 131 8.74 18.18 -7.94
N LEU A 132 7.94 19.07 -7.37
CA LEU A 132 7.50 18.92 -5.99
C LEU A 132 5.98 18.87 -5.87
N PHE A 133 5.46 17.67 -5.65
CA PHE A 133 4.04 17.48 -5.33
C PHE A 133 3.85 17.78 -3.85
N THR A 134 2.88 18.62 -3.51
CA THR A 134 2.84 19.06 -2.13
C THR A 134 1.46 19.52 -1.68
N ASP A 135 1.29 19.51 -0.36
CA ASP A 135 0.16 20.13 0.31
C ASP A 135 -1.16 19.48 -0.03
N PHE A 136 -1.10 18.22 -0.45
CA PHE A 136 -2.31 17.45 -0.70
C PHE A 136 -2.80 16.85 0.61
N ASP A 137 -4.11 16.66 0.72
CA ASP A 137 -4.66 16.17 1.98
C ASP A 137 -4.47 14.67 2.00
N SER A 138 -4.37 14.13 3.20
CA SER A 138 -3.78 12.81 3.38
C SER A 138 -4.39 11.67 2.57
N GLN A 139 -5.69 11.71 2.30
CA GLN A 139 -6.35 10.63 1.56
C GLN A 139 -5.53 10.19 0.34
N THR A 140 -4.82 11.15 -0.25
CA THR A 140 -4.13 10.97 -1.53
C THR A 140 -2.98 9.98 -1.40
N ASN A 141 -2.63 9.28 -2.50
CA ASN A 141 -1.51 8.31 -2.55
C ASN A 141 -0.66 8.37 -3.82
N VAL A 142 0.66 8.21 -3.68
CA VAL A 142 1.61 8.49 -4.76
C VAL A 142 2.26 7.28 -5.41
N SER A 143 2.14 7.17 -6.74
CA SER A 143 2.66 6.00 -7.45
C SER A 143 3.96 6.24 -8.19
N GLN A 144 4.87 5.26 -8.17
CA GLN A 144 6.03 5.27 -9.05
C GLN A 144 5.63 5.27 -10.53
N SER A 145 6.50 5.77 -11.39
CA SER A 145 6.18 5.75 -12.82
C SER A 145 6.56 4.40 -13.42
N LYS A 146 5.87 4.02 -14.49
CA LYS A 146 6.26 2.88 -15.31
C LYS A 146 7.48 3.31 -16.11
N ASP A 147 7.68 4.63 -16.20
CA ASP A 147 8.79 5.23 -16.93
C ASP A 147 10.10 4.98 -16.18
N SER A 148 10.90 4.05 -16.68
CA SER A 148 12.04 3.55 -15.93
C SER A 148 13.24 4.48 -15.83
N ASP A 149 13.08 5.72 -16.30
CA ASP A 149 14.09 6.75 -16.00
C ASP A 149 13.46 8.04 -15.46
N VAL A 150 12.37 7.88 -14.70
CA VAL A 150 11.77 8.97 -13.94
C VAL A 150 11.72 8.53 -12.49
N TYR A 151 12.01 9.44 -11.59
CA TYR A 151 12.17 9.13 -10.16
C TYR A 151 11.14 9.84 -9.29
N ILE A 152 10.24 9.08 -8.68
CA ILE A 152 9.23 9.65 -7.80
C ILE A 152 9.34 9.02 -6.41
N THR A 153 9.21 9.84 -5.37
CA THR A 153 9.34 9.37 -4.00
C THR A 153 7.98 9.21 -3.33
N ASP A 154 7.93 8.49 -2.21
CA ASP A 154 6.66 8.31 -1.57
C ASP A 154 6.44 9.57 -0.78
N LYS A 155 5.18 9.86 -0.48
CA LYS A 155 4.89 11.05 0.25
C LYS A 155 5.60 10.89 1.59
N CYS A 156 6.07 12.00 2.16
CA CYS A 156 6.28 12.07 3.61
C CYS A 156 5.73 13.36 4.20
N VAL A 157 5.47 13.34 5.50
CA VAL A 157 4.91 14.50 6.19
C VAL A 157 6.01 15.30 6.90
N LEU A 158 5.95 16.62 6.77
CA LEU A 158 6.92 17.46 7.40
C LEU A 158 6.16 18.34 8.39
N ASP A 159 6.69 18.41 9.60
CA ASP A 159 6.04 19.09 10.72
C ASP A 159 6.82 20.34 11.03
N MET A 160 6.31 21.47 10.58
CA MET A 160 6.85 22.78 10.91
C MET A 160 6.31 23.13 12.27
N ARG A 161 6.97 22.60 13.29
CA ARG A 161 6.55 22.75 14.67
C ARG A 161 6.37 24.24 15.02
N SER A 162 7.25 25.06 14.44
CA SER A 162 7.23 26.50 14.64
C SER A 162 5.84 27.14 14.53
N MET A 163 5.36 27.21 13.29
CA MET A 163 4.05 27.78 13.01
C MET A 163 3.02 26.65 12.93
N ASP A 164 3.29 25.59 13.70
CA ASP A 164 2.40 24.43 13.84
C ASP A 164 1.68 24.10 12.54
N PHE A 165 2.41 23.53 11.59
CA PHE A 165 1.76 23.25 10.31
C PHE A 165 2.32 21.93 9.80
N LYS A 166 1.44 21.11 9.26
CA LYS A 166 1.88 19.81 8.75
C LYS A 166 1.59 19.67 7.27
N SER A 167 2.60 19.19 6.54
CA SER A 167 2.54 19.21 5.09
C SER A 167 2.93 17.85 4.50
N ASN A 168 2.20 17.44 3.47
CA ASN A 168 2.53 16.23 2.77
C ASN A 168 3.29 16.54 1.51
N SER A 169 4.20 15.68 1.11
CA SER A 169 4.94 15.98 -0.10
C SER A 169 5.67 14.79 -0.73
N ALA A 170 6.01 14.96 -1.99
CA ALA A 170 6.75 13.95 -2.72
C ALA A 170 7.48 14.65 -3.86
N VAL A 171 8.47 13.97 -4.40
CA VAL A 171 9.33 14.58 -5.39
C VAL A 171 9.49 13.67 -6.58
N ALA A 172 9.39 14.28 -7.76
CA ALA A 172 9.55 13.57 -9.01
C ALA A 172 10.71 14.20 -9.74
N TRP A 173 11.55 13.43 -10.42
CA TRP A 173 12.58 14.04 -11.24
C TRP A 173 13.24 13.04 -12.17
N SER A 174 13.79 13.54 -13.27
CA SER A 174 14.65 12.74 -14.15
C SER A 174 15.40 13.64 -15.12
N ASN A 175 16.65 13.29 -15.44
CA ASN A 175 17.39 14.04 -16.45
C ASN A 175 16.88 13.69 -17.85
N LYS A 176 15.87 14.43 -18.29
CA LYS A 176 15.18 14.16 -19.54
C LYS A 176 14.35 15.37 -19.91
N SER A 177 14.50 15.78 -21.16
CA SER A 177 13.88 17.00 -21.67
C SER A 177 12.37 16.91 -21.75
N ASP A 178 11.87 15.73 -22.09
CA ASP A 178 10.45 15.49 -22.26
C ASP A 178 9.69 15.75 -20.96
N PHE A 179 10.22 15.19 -19.87
CA PHE A 179 9.64 15.28 -18.54
C PHE A 179 9.40 16.71 -18.11
N ALA A 180 8.21 16.95 -17.55
CA ALA A 180 7.81 18.27 -17.13
C ALA A 180 6.80 18.18 -16.03
N CYS A 181 6.88 19.15 -15.12
CA CYS A 181 6.08 19.15 -13.91
C CYS A 181 4.58 18.97 -14.17
N ALA A 182 4.14 19.21 -15.40
CA ALA A 182 2.73 19.03 -15.68
C ALA A 182 2.41 17.54 -15.76
N ASN A 183 3.43 16.72 -15.99
CA ASN A 183 3.21 15.29 -16.23
C ASN A 183 3.98 14.32 -15.32
N ALA A 184 4.65 14.87 -14.31
CA ALA A 184 5.44 14.08 -13.37
C ALA A 184 4.63 13.05 -12.55
N PHE A 185 3.35 13.33 -12.31
CA PHE A 185 2.58 12.48 -11.42
C PHE A 185 1.41 11.84 -12.13
N ASN A 186 1.47 11.82 -13.45
CA ASN A 186 0.39 11.23 -14.23
C ASN A 186 0.06 9.79 -13.82
N ASN A 187 1.03 9.09 -13.23
CA ASN A 187 0.79 7.73 -12.76
C ASN A 187 0.05 7.65 -11.45
N SER A 188 -0.04 8.77 -10.75
CA SER A 188 -0.77 8.85 -9.49
C SER A 188 -2.16 9.40 -9.75
N ILE A 189 -3.12 9.02 -8.90
CA ILE A 189 -4.39 9.71 -8.88
C ILE A 189 -4.20 10.91 -7.96
N ILE A 190 -4.31 12.10 -8.52
CA ILE A 190 -4.08 13.34 -7.78
C ILE A 190 -5.31 14.24 -7.80
N PRO A 191 -5.58 14.91 -6.68
CA PRO A 191 -6.79 15.72 -6.56
C PRO A 191 -7.09 16.39 -7.89
N GLU A 192 -8.35 16.39 -8.32
CA GLU A 192 -8.69 16.91 -9.62
C GLU A 192 -8.53 18.44 -9.67
N ASP A 193 -8.37 19.04 -8.49
CA ASP A 193 -8.12 20.48 -8.42
C ASP A 193 -6.72 20.77 -7.89
N THR A 194 -5.75 20.00 -8.34
CA THR A 194 -4.35 20.26 -8.03
C THR A 194 -3.85 21.47 -8.81
N PHE A 195 -3.26 22.41 -8.10
CA PHE A 195 -2.82 23.67 -8.69
C PHE A 195 -1.48 23.58 -9.40
N PHE A 196 -1.49 23.81 -10.71
CA PHE A 196 -0.24 23.80 -11.52
C PHE A 196 0.15 25.20 -11.98
N PRO A 197 1.11 25.82 -11.30
CA PRO A 197 1.55 27.18 -11.67
C PRO A 197 2.04 27.29 -13.10
N SER A 198 1.86 28.46 -13.71
CA SER A 198 2.55 28.71 -14.97
C SER A 198 4.05 28.73 -14.71
N ALA B 1 20.99 1.78 24.76
CA ALA B 1 22.36 2.10 25.22
C ALA B 1 23.15 0.84 25.64
N VAL B 2 23.30 -0.02 24.63
CA VAL B 2 24.21 -1.14 24.60
C VAL B 2 24.90 -0.82 23.30
N THR B 3 26.20 -1.06 23.17
CA THR B 3 26.82 -0.71 21.90
C THR B 3 27.47 -1.85 21.14
N GLN B 4 27.56 -1.65 19.83
CA GLN B 4 28.16 -2.63 18.95
C GLN B 4 28.90 -1.89 17.88
N SER B 5 30.00 -2.50 17.43
CA SER B 5 30.90 -1.80 16.55
C SER B 5 31.77 -2.60 15.57
N PRO B 6 31.51 -2.34 14.30
CA PRO B 6 31.65 -1.05 13.62
C PRO B 6 30.17 -0.67 13.37
N ARG B 7 29.86 0.55 12.95
CA ARG B 7 28.48 0.93 12.57
C ARG B 7 28.09 0.44 11.18
N SER B 8 29.12 0.23 10.34
CA SER B 8 28.93 -0.26 8.98
C SER B 8 30.19 -0.94 8.46
N LYS B 9 30.04 -1.80 7.47
CA LYS B 9 31.19 -2.49 6.91
C LYS B 9 30.94 -2.95 5.47
N VAL B 10 31.92 -2.75 4.58
CA VAL B 10 31.85 -3.32 3.25
C VAL B 10 33.00 -4.32 3.12
N ALA B 11 32.69 -5.52 2.63
CA ALA B 11 33.73 -6.56 2.53
C ALA B 11 33.64 -7.39 1.24
N VAL B 12 34.75 -7.98 0.83
CA VAL B 12 34.72 -8.87 -0.32
C VAL B 12 34.54 -10.29 0.17
N THR B 13 33.83 -11.08 -0.61
CA THR B 13 33.73 -12.50 -0.34
C THR B 13 35.09 -13.05 0.08
N GLY B 14 35.09 -13.80 1.19
CA GLY B 14 36.30 -14.45 1.67
C GLY B 14 37.07 -13.64 2.71
N GLY B 15 36.73 -12.36 2.83
CA GLY B 15 37.32 -11.52 3.87
C GLY B 15 36.86 -11.87 5.28
N LYS B 16 37.62 -11.44 6.26
CA LYS B 16 37.25 -11.64 7.66
C LYS B 16 36.60 -10.36 8.26
N VAL B 17 35.44 -10.53 8.87
CA VAL B 17 34.74 -9.41 9.46
C VAL B 17 34.45 -9.69 10.91
N THR B 18 34.77 -8.72 11.75
CA THR B 18 34.57 -8.88 13.17
C THR B 18 33.67 -7.80 13.69
N LEU B 19 32.53 -8.22 14.19
CA LEU B 19 31.58 -7.34 14.83
C LEU B 19 31.80 -7.49 16.32
N SER B 20 31.75 -6.36 17.03
CA SER B 20 31.95 -6.39 18.47
C SER B 20 30.72 -5.93 19.24
N CYS B 21 30.44 -6.54 20.38
CA CYS B 21 29.33 -6.08 21.21
C CYS B 21 29.77 -5.84 22.64
N HIS B 22 29.32 -4.74 23.23
CA HIS B 22 29.73 -4.36 24.57
C HIS B 22 28.51 -3.88 25.29
N GLN B 23 28.27 -4.44 26.47
CA GLN B 23 27.13 -4.03 27.30
C GLN B 23 27.55 -3.80 28.76
N THR B 24 27.02 -2.74 29.35
CA THR B 24 27.26 -2.42 30.77
C THR B 24 25.98 -2.45 31.65
N ASN B 25 24.99 -3.26 31.26
CA ASN B 25 23.77 -3.44 32.04
C ASN B 25 23.98 -4.53 33.06
N ASN B 26 25.21 -5.02 33.13
CA ASN B 26 25.54 -6.18 33.95
C ASN B 26 24.62 -7.34 33.66
N HIS B 27 24.23 -7.46 32.39
CA HIS B 27 23.46 -8.59 31.98
C HIS B 27 24.35 -9.83 31.80
N ASP B 28 23.76 -10.99 32.04
CA ASP B 28 24.47 -12.24 31.85
C ASP B 28 24.22 -12.81 30.44
N TYR B 29 22.98 -12.81 29.99
CA TYR B 29 22.67 -13.31 28.66
C TYR B 29 22.93 -12.26 27.62
N MET B 30 23.59 -12.68 26.53
CA MET B 30 23.77 -11.86 25.34
C MET B 30 23.46 -12.68 24.11
N TYR B 31 23.18 -12.01 23.01
CA TYR B 31 22.73 -12.70 21.81
C TYR B 31 23.25 -11.96 20.59
N TRP B 32 23.42 -12.69 19.50
CA TRP B 32 23.70 -12.05 18.20
C TRP B 32 22.63 -12.43 17.21
N TYR B 33 22.00 -11.40 16.65
CA TYR B 33 20.94 -11.54 15.64
C TYR B 33 21.32 -10.89 14.31
N ARG B 34 20.72 -11.41 13.24
CA ARG B 34 20.62 -10.68 11.98
C ARG B 34 19.16 -10.35 11.71
N GLN B 35 18.92 -9.19 11.12
CA GLN B 35 17.60 -8.78 10.71
C GLN B 35 17.67 -8.41 9.25
N ASP B 36 16.67 -8.88 8.51
CA ASP B 36 16.53 -8.55 7.10
C ASP B 36 15.18 -9.06 6.60
N THR B 37 14.61 -8.35 5.65
CA THR B 37 13.38 -8.80 4.99
C THR B 37 13.64 -10.17 4.37
N GLY B 38 12.60 -10.99 4.30
CA GLY B 38 11.32 -10.69 4.91
C GLY B 38 11.21 -11.66 6.06
N HIS B 39 12.36 -12.16 6.49
CA HIS B 39 12.49 -12.80 7.80
C HIS B 39 12.38 -11.65 8.77
N GLY B 40 12.56 -11.94 10.04
CA GLY B 40 12.70 -10.90 11.03
C GLY B 40 14.11 -11.06 11.57
N LEU B 41 14.23 -10.94 12.87
CA LEU B 41 15.49 -11.30 13.52
C LEU B 41 15.68 -12.79 13.47
N ARG B 42 16.93 -13.21 13.31
CA ARG B 42 17.30 -14.63 13.40
C ARG B 42 18.53 -14.85 14.34
N LEU B 43 18.43 -15.83 15.22
CA LEU B 43 19.50 -16.01 16.20
C LEU B 43 20.69 -16.73 15.57
N ILE B 44 21.90 -16.23 15.82
CA ILE B 44 23.11 -16.86 15.31
C ILE B 44 23.85 -17.61 16.42
N HIS B 45 24.06 -16.91 17.52
CA HIS B 45 24.75 -17.45 18.68
C HIS B 45 24.24 -16.65 19.87
N TYR B 46 24.44 -17.18 21.07
CA TYR B 46 24.14 -16.44 22.29
C TYR B 46 25.02 -16.95 23.43
N SER B 47 24.83 -16.39 24.61
CA SER B 47 25.65 -16.74 25.76
C SER B 47 24.95 -16.47 27.10
N TYR B 48 25.14 -17.41 28.02
CA TYR B 48 24.57 -17.36 29.37
C TYR B 48 25.58 -16.81 30.37
N VAL B 49 26.85 -16.79 29.97
CA VAL B 49 27.90 -16.56 30.94
C VAL B 49 29.27 -16.47 30.27
N ALA B 50 30.19 -15.76 30.92
CA ALA B 50 31.53 -15.61 30.40
C ALA B 50 32.12 -16.96 29.97
N ASP B 51 32.85 -16.92 28.86
CA ASP B 51 33.57 -18.08 28.36
C ASP B 51 32.73 -19.26 27.87
N SER B 52 31.46 -19.05 27.59
CA SER B 52 30.68 -20.05 26.87
C SER B 52 29.79 -19.44 25.79
N THR B 53 29.49 -20.25 24.76
CA THR B 53 28.73 -19.82 23.58
C THR B 53 27.78 -20.91 23.09
N GLU B 54 26.66 -20.51 22.51
CA GLU B 54 25.71 -21.50 22.07
C GLU B 54 25.39 -21.28 20.63
N LYS B 55 25.23 -22.36 19.90
CA LYS B 55 24.74 -22.24 18.54
C LYS B 55 23.33 -21.65 18.60
N GLY B 56 23.08 -20.62 17.80
CA GLY B 56 21.74 -20.10 17.67
C GLY B 56 21.03 -20.91 16.60
N ASP B 57 20.02 -20.30 15.97
CA ASP B 57 19.24 -20.95 14.93
C ASP B 57 20.01 -21.00 13.60
N ILE B 58 20.91 -20.05 13.41
CA ILE B 58 21.68 -20.02 12.16
C ILE B 58 23.18 -19.83 12.38
N PRO B 59 23.79 -20.74 13.15
CA PRO B 59 25.21 -20.59 13.50
C PRO B 59 26.18 -20.76 12.31
N ASP B 60 25.67 -21.25 11.17
CA ASP B 60 26.53 -21.56 10.02
C ASP B 60 27.16 -20.34 9.35
N GLY B 61 28.48 -20.37 9.26
CA GLY B 61 29.23 -19.32 8.60
C GLY B 61 29.72 -18.25 9.55
N TYR B 62 29.30 -18.38 10.81
CA TYR B 62 29.65 -17.43 11.84
C TYR B 62 30.26 -18.17 13.02
N LYS B 63 31.17 -17.50 13.73
CA LYS B 63 31.60 -17.98 15.05
C LYS B 63 31.35 -16.88 16.08
N ALA B 64 31.31 -17.25 17.35
CA ALA B 64 31.07 -16.27 18.41
C ALA B 64 32.16 -16.38 19.49
N SER B 65 32.33 -15.32 20.26
CA SER B 65 33.31 -15.37 21.33
C SER B 65 32.82 -14.51 22.50
N ARG B 66 32.76 -15.12 23.69
CA ARG B 66 32.32 -14.41 24.88
C ARG B 66 33.46 -14.33 25.88
N PRO B 67 34.41 -13.43 25.64
CA PRO B 67 35.57 -13.25 26.50
C PRO B 67 35.23 -12.66 27.89
N SER B 68 34.08 -12.02 28.06
CA SER B 68 33.78 -11.45 29.35
C SER B 68 32.28 -11.19 29.59
N GLN B 69 31.91 -10.85 30.83
CA GLN B 69 30.52 -10.53 31.13
C GLN B 69 30.07 -9.42 30.19
N GLU B 70 31.01 -8.55 29.80
CA GLU B 70 30.68 -7.37 29.04
C GLU B 70 30.77 -7.53 27.52
N ASN B 71 31.58 -8.48 27.04
CA ASN B 71 31.84 -8.57 25.60
C ASN B 71 31.35 -9.81 24.84
N PHE B 72 30.82 -9.59 23.66
CA PHE B 72 30.39 -10.68 22.83
C PHE B 72 30.68 -10.37 21.36
N SER B 73 31.53 -11.16 20.71
CA SER B 73 31.97 -10.83 19.36
C SER B 73 31.51 -11.86 18.32
N LEU B 74 31.25 -11.39 17.09
CA LEU B 74 30.88 -12.27 15.97
C LEU B 74 31.90 -12.17 14.85
N ILE B 75 32.41 -13.33 14.43
CA ILE B 75 33.42 -13.40 13.38
C ILE B 75 32.91 -14.13 12.13
N LEU B 76 32.97 -13.44 11.00
CA LEU B 76 32.70 -14.00 9.70
C LEU B 76 34.04 -14.23 9.03
N GLU B 77 34.42 -15.49 8.89
CA GLU B 77 35.77 -15.84 8.51
C GLU B 77 36.02 -15.77 7.01
N LEU B 78 35.07 -16.28 6.24
CA LEU B 78 35.18 -16.24 4.79
C LEU B 78 33.86 -15.73 4.26
N ALA B 79 33.81 -14.42 4.04
CA ALA B 79 32.55 -13.69 3.80
C ALA B 79 31.83 -14.06 2.50
N SER B 80 30.52 -14.20 2.61
CA SER B 80 29.66 -14.59 1.50
C SER B 80 28.55 -13.57 1.30
N LEU B 81 27.89 -13.66 0.15
CA LEU B 81 26.85 -12.71 -0.22
C LEU B 81 25.64 -12.80 0.71
N SER B 82 25.44 -13.99 1.27
CA SER B 82 24.28 -14.25 2.15
C SER B 82 24.49 -13.71 3.52
N GLN B 83 25.69 -13.21 3.79
CA GLN B 83 25.94 -12.63 5.08
C GLN B 83 25.68 -11.13 5.07
N THR B 84 25.32 -10.60 3.91
CA THR B 84 24.84 -9.22 3.88
C THR B 84 23.55 -9.18 4.67
N ALA B 85 23.51 -8.34 5.70
CA ALA B 85 22.32 -8.21 6.54
C ALA B 85 22.55 -7.11 7.57
N VAL B 86 21.55 -6.79 8.39
CA VAL B 86 21.82 -5.88 9.52
C VAL B 86 21.98 -6.68 10.82
N TYR B 87 23.11 -6.53 11.48
CA TYR B 87 23.36 -7.36 12.64
C TYR B 87 23.19 -6.53 13.89
N PHE B 88 22.37 -7.05 14.81
CA PHE B 88 22.17 -6.45 16.10
C PHE B 88 22.71 -7.44 17.09
N CYS B 89 23.29 -6.94 18.17
CA CYS B 89 23.55 -7.78 19.32
C CYS B 89 22.57 -7.36 20.40
N ALA B 90 22.49 -8.16 21.46
CA ALA B 90 21.57 -7.86 22.55
C ALA B 90 22.01 -8.40 23.91
N SER B 91 21.54 -7.77 24.96
CA SER B 91 21.77 -8.37 26.27
C SER B 91 20.49 -8.37 27.05
N ARG B 92 20.44 -9.19 28.09
CA ARG B 92 19.19 -9.42 28.80
C ARG B 92 19.47 -9.93 30.19
N LEU B 93 18.63 -9.56 31.14
CA LEU B 93 18.66 -10.20 32.46
C LEU B 93 17.71 -11.41 32.42
N GLY B 94 18.12 -12.52 33.03
CA GLY B 94 17.32 -13.74 32.94
C GLY B 94 16.03 -13.71 33.75
N GLY B 95 15.06 -12.90 33.31
CA GLY B 95 13.79 -12.81 34.01
C GLY B 95 13.32 -11.39 33.89
N TYR B 96 14.19 -10.61 33.31
CA TYR B 96 13.79 -9.26 33.02
C TYR B 96 13.81 -8.95 31.54
N GLU B 97 13.99 -7.65 31.33
CA GLU B 97 13.85 -6.95 30.07
C GLU B 97 15.07 -7.11 29.16
N GLN B 98 14.85 -7.37 27.87
CA GLN B 98 15.96 -7.45 26.90
C GLN B 98 16.22 -6.12 26.17
N TYR B 99 17.49 -5.75 26.05
CA TYR B 99 17.89 -4.55 25.31
C TYR B 99 18.73 -4.87 24.09
N PHE B 100 18.43 -4.21 22.98
CA PHE B 100 19.18 -4.38 21.73
C PHE B 100 20.26 -3.30 21.51
N GLY B 101 21.31 -3.67 20.78
CA GLY B 101 22.33 -2.72 20.37
C GLY B 101 21.89 -1.84 19.21
N PRO B 102 22.73 -0.87 18.81
CA PRO B 102 22.26 0.06 17.77
C PRO B 102 22.33 -0.52 16.36
N GLY B 103 23.02 -1.64 16.16
CA GLY B 103 23.10 -2.25 14.84
C GLY B 103 24.31 -1.94 13.97
N THR B 104 24.65 -2.90 13.12
CA THR B 104 25.70 -2.72 12.12
C THR B 104 25.15 -3.09 10.74
N ARG B 105 25.23 -2.16 9.81
CA ARG B 105 24.89 -2.44 8.43
C ARG B 105 26.12 -3.11 7.83
N LEU B 106 25.99 -4.36 7.42
CA LEU B 106 27.11 -5.09 6.82
C LEU B 106 26.74 -5.46 5.39
N THR B 107 27.65 -5.13 4.48
CA THR B 107 27.44 -5.34 3.06
C THR B 107 28.59 -6.16 2.50
N VAL B 108 28.26 -7.30 1.89
CA VAL B 108 29.26 -8.19 1.30
C VAL B 108 29.14 -8.22 -0.22
N LEU B 109 30.30 -8.13 -0.86
CA LEU B 109 30.42 -7.92 -2.29
C LEU B 109 31.44 -8.85 -2.98
N GLU B 110 31.10 -9.21 -4.22
CA GLU B 110 31.99 -9.96 -5.07
C GLU B 110 33.26 -9.17 -5.25
N ASP B 111 33.11 -7.87 -5.48
CA ASP B 111 34.24 -6.96 -5.54
C ASP B 111 33.86 -5.55 -5.07
N LEU B 112 34.86 -4.75 -4.75
CA LEU B 112 34.61 -3.42 -4.20
C LEU B 112 34.42 -2.38 -5.29
N LYS B 113 34.54 -2.83 -6.54
CA LYS B 113 34.45 -1.92 -7.68
C LYS B 113 33.09 -1.20 -7.75
N ASN B 114 32.05 -1.86 -7.28
CA ASN B 114 30.68 -1.38 -7.39
C ASN B 114 30.40 -0.28 -6.38
N VAL B 115 31.37 -0.01 -5.52
CA VAL B 115 31.17 0.93 -4.41
C VAL B 115 31.35 2.40 -4.82
N PHE B 116 30.28 3.18 -4.67
CA PHE B 116 30.28 4.61 -4.98
C PHE B 116 29.68 5.47 -3.88
N PRO B 117 30.23 6.68 -3.70
CA PRO B 117 29.71 7.71 -2.78
C PRO B 117 28.56 8.47 -3.43
N PRO B 118 27.80 9.25 -2.66
CA PRO B 118 26.70 10.04 -3.26
C PRO B 118 27.22 11.29 -3.95
N GLU B 119 26.55 11.68 -5.03
CA GLU B 119 26.69 13.05 -5.51
C GLU B 119 25.50 13.77 -4.89
N VAL B 120 25.68 15.03 -4.48
CA VAL B 120 24.64 15.69 -3.69
C VAL B 120 24.26 17.08 -4.16
N ALA B 121 22.95 17.29 -4.38
CA ALA B 121 22.44 18.54 -4.93
C ALA B 121 21.28 19.11 -4.13
N VAL B 122 21.22 20.43 -4.05
CA VAL B 122 20.12 21.12 -3.40
C VAL B 122 19.32 21.97 -4.39
N PHE B 123 18.01 22.03 -4.15
CA PHE B 123 17.07 22.76 -4.99
C PHE B 123 16.34 23.81 -4.18
N GLU B 124 16.33 25.03 -4.74
CA GLU B 124 15.85 26.21 -4.05
C GLU B 124 14.35 26.36 -4.19
N PRO B 125 13.73 27.00 -3.19
CA PRO B 125 12.27 27.12 -3.10
C PRO B 125 11.68 27.77 -4.33
N SER B 126 10.62 27.16 -4.86
CA SER B 126 9.88 27.71 -5.96
C SER B 126 9.32 29.08 -5.58
N GLU B 127 9.43 30.04 -6.49
CA GLU B 127 8.85 31.36 -6.28
C GLU B 127 7.32 31.24 -6.25
N ALA B 128 6.79 30.34 -7.08
CA ALA B 128 5.35 30.05 -7.14
C ALA B 128 4.78 29.65 -5.77
N GLU B 129 5.49 28.74 -5.10
CA GLU B 129 5.14 28.30 -3.76
C GLU B 129 5.13 29.47 -2.81
N ILE B 130 6.10 30.36 -2.95
CA ILE B 130 6.20 31.47 -1.98
C ILE B 130 5.02 32.40 -2.17
N SER B 131 4.83 32.83 -3.42
CA SER B 131 3.72 33.67 -3.80
C SER B 131 2.42 33.10 -3.29
N HIS B 132 2.25 31.79 -3.46
CA HIS B 132 1.00 31.06 -3.15
C HIS B 132 0.75 30.73 -1.67
N THR B 133 1.82 30.39 -0.94
CA THR B 133 1.74 29.77 0.39
C THR B 133 2.49 30.55 1.49
N GLN B 134 3.45 31.36 1.07
CA GLN B 134 4.22 32.13 2.03
C GLN B 134 5.08 31.23 2.90
N LYS B 135 5.36 30.04 2.37
CA LYS B 135 6.29 29.09 2.96
C LYS B 135 7.18 28.68 1.81
N ALA B 136 8.31 28.02 2.11
CA ALA B 136 9.29 27.71 1.08
C ALA B 136 9.96 26.36 1.29
N THR B 137 9.95 25.54 0.24
CA THR B 137 10.55 24.22 0.36
C THR B 137 11.84 24.03 -0.42
N LEU B 138 12.88 23.66 0.32
CA LEU B 138 14.14 23.21 -0.24
C LEU B 138 14.21 21.69 -0.34
N VAL B 139 14.84 21.21 -1.41
CA VAL B 139 14.93 19.77 -1.63
C VAL B 139 16.37 19.26 -1.78
N CYS B 140 16.73 18.20 -1.08
CA CYS B 140 18.03 17.60 -1.33
C CYS B 140 18.01 16.20 -2.00
N LEU B 141 18.72 16.08 -3.11
CA LEU B 141 18.85 14.79 -3.71
C LEU B 141 20.27 14.33 -3.54
N ALA B 142 20.40 13.13 -3.03
CA ALA B 142 21.66 12.43 -2.99
C ALA B 142 21.44 11.35 -4.03
N THR B 143 22.34 11.26 -5.00
CA THR B 143 22.18 10.31 -6.11
C THR B 143 23.44 9.51 -6.32
N GLY B 144 23.24 8.34 -6.93
CA GLY B 144 24.35 7.53 -7.37
C GLY B 144 25.19 6.86 -6.29
N PHE B 145 24.63 6.55 -5.13
CA PHE B 145 25.46 5.92 -4.08
C PHE B 145 25.29 4.41 -3.93
N TYR B 146 26.37 3.77 -3.47
CA TYR B 146 26.37 2.32 -3.29
C TYR B 146 27.48 1.85 -2.36
N PRO B 147 27.13 0.99 -1.38
CA PRO B 147 25.79 0.50 -1.04
C PRO B 147 24.99 1.59 -0.39
N ASP B 148 23.72 1.33 -0.10
CA ASP B 148 22.77 2.34 0.34
C ASP B 148 22.78 2.68 1.85
N HIS B 149 23.95 2.91 2.42
CA HIS B 149 24.03 3.31 3.84
C HIS B 149 24.50 4.75 3.97
N VAL B 150 23.54 5.65 4.09
CA VAL B 150 23.82 7.05 4.26
C VAL B 150 22.96 7.63 5.41
N GLU B 151 23.40 8.75 5.98
CA GLU B 151 22.58 9.47 6.97
C GLU B 151 22.55 10.96 6.69
N LEU B 152 21.37 11.46 6.37
CA LEU B 152 21.24 12.80 5.82
C LEU B 152 20.68 13.77 6.86
N SER B 153 21.29 14.94 6.96
CA SER B 153 20.91 15.93 7.96
C SER B 153 21.06 17.29 7.36
N TRP B 154 20.25 18.21 7.86
CA TRP B 154 20.24 19.60 7.42
C TRP B 154 20.84 20.50 8.50
N TRP B 155 21.60 21.49 8.05
CA TRP B 155 22.30 22.40 8.94
C TRP B 155 21.99 23.81 8.51
N VAL B 156 21.27 24.52 9.37
CA VAL B 156 20.81 25.87 9.11
C VAL B 156 21.65 26.86 9.90
N ASN B 157 22.33 27.75 9.19
CA ASN B 157 23.22 28.70 9.84
C ASN B 157 24.27 27.96 10.68
N GLY B 158 24.76 26.83 10.16
CA GLY B 158 25.74 26.00 10.85
C GLY B 158 25.22 25.19 12.05
N LYS B 159 23.90 25.10 12.21
CA LYS B 159 23.33 24.30 13.30
C LYS B 159 22.33 23.25 12.78
N GLU B 160 22.48 21.98 13.18
CA GLU B 160 21.52 20.95 12.74
C GLU B 160 20.08 21.26 13.13
N VAL B 161 19.15 21.04 12.18
CA VAL B 161 17.71 21.34 12.40
C VAL B 161 16.76 20.15 12.20
N HIS B 162 15.63 20.17 12.91
CA HIS B 162 14.60 19.09 12.82
C HIS B 162 13.15 19.53 12.53
N SER B 163 12.71 20.67 13.07
CA SER B 163 11.41 21.24 12.71
C SER B 163 11.39 21.49 11.21
N GLY B 164 10.30 21.09 10.54
CA GLY B 164 10.12 21.30 9.11
C GLY B 164 10.96 20.41 8.20
N VAL B 165 11.51 19.32 8.72
CA VAL B 165 12.31 18.42 7.90
C VAL B 165 11.57 17.11 7.65
N CYS B 166 11.61 16.62 6.41
CA CYS B 166 11.22 15.24 6.20
C CYS B 166 12.11 14.53 5.21
N THR B 167 12.70 13.39 5.58
CA THR B 167 13.47 12.60 4.63
C THR B 167 12.75 11.30 4.28
N ASP B 168 12.92 10.80 3.05
CA ASP B 168 12.39 9.50 2.71
C ASP B 168 12.80 8.45 3.75
N PRO B 169 11.88 7.53 4.07
CA PRO B 169 12.10 6.37 4.95
C PRO B 169 13.27 5.53 4.46
N GLN B 170 13.37 5.38 3.14
CA GLN B 170 14.50 4.70 2.53
C GLN B 170 14.85 5.20 1.11
N PRO B 171 16.10 4.95 0.68
CA PRO B 171 16.63 5.30 -0.65
C PRO B 171 15.87 4.57 -1.73
N LEU B 172 15.81 5.12 -2.96
CA LEU B 172 15.20 4.40 -4.08
C LEU B 172 16.23 3.95 -5.14
N LYS B 173 15.93 2.82 -5.78
CA LYS B 173 16.87 2.20 -6.72
C LYS B 173 16.86 2.90 -8.08
N GLU B 174 18.04 3.24 -8.58
CA GLU B 174 18.10 3.93 -9.85
C GLU B 174 17.63 3.10 -11.05
N GLN B 175 17.87 1.79 -10.98
CA GLN B 175 17.30 0.83 -11.94
C GLN B 175 16.71 -0.35 -11.16
N PRO B 176 15.46 -0.20 -10.72
CA PRO B 176 14.97 -1.10 -9.65
C PRO B 176 15.01 -2.58 -9.98
N ALA B 177 15.05 -2.98 -11.25
CA ALA B 177 14.85 -4.38 -11.59
C ALA B 177 16.09 -5.28 -11.78
N LEU B 178 17.31 -4.75 -11.60
CA LEU B 178 18.51 -5.59 -11.79
C LEU B 178 19.42 -5.79 -10.54
N ASN B 179 20.60 -6.34 -10.78
CA ASN B 179 21.63 -6.51 -9.73
C ASN B 179 22.51 -5.27 -9.66
N ASP B 180 23.31 -5.16 -8.60
CA ASP B 180 24.23 -4.04 -8.46
C ASP B 180 23.63 -2.71 -8.92
N SER B 181 22.37 -2.47 -8.55
CA SER B 181 21.70 -1.20 -8.82
C SER B 181 22.19 -0.18 -7.79
N ARG B 182 22.23 1.08 -8.18
CA ARG B 182 22.74 2.10 -7.30
C ARG B 182 21.57 2.90 -6.73
N TYR B 183 21.80 3.72 -5.70
CA TYR B 183 20.71 4.32 -4.95
C TYR B 183 20.60 5.85 -4.95
N ALA B 184 19.38 6.34 -4.71
CA ALA B 184 19.11 7.77 -4.58
C ALA B 184 18.20 8.03 -3.40
N LEU B 185 18.14 9.29 -2.95
CA LEU B 185 17.43 9.65 -1.74
C LEU B 185 17.15 11.15 -1.73
N SER B 186 15.95 11.54 -1.34
CA SER B 186 15.67 12.97 -1.27
C SER B 186 15.23 13.31 0.12
N SER B 187 15.29 14.60 0.47
CA SER B 187 14.84 15.08 1.77
C SER B 187 14.30 16.48 1.54
N ARG B 188 13.43 16.95 2.45
CA ARG B 188 12.77 18.22 2.29
C ARG B 188 13.02 19.01 3.54
N LEU B 189 13.11 20.33 3.37
CA LEU B 189 13.18 21.26 4.49
C LEU B 189 12.33 22.45 4.14
N ARG B 190 11.34 22.74 4.95
CA ARG B 190 10.47 23.87 4.65
C ARG B 190 10.63 24.96 5.69
N VAL B 191 10.62 26.21 5.24
CA VAL B 191 10.84 27.35 6.13
C VAL B 191 9.82 28.39 5.77
N SER B 192 9.72 29.48 6.56
CA SER B 192 8.79 30.57 6.22
C SER B 192 9.35 31.34 5.04
N ALA B 193 8.48 32.05 4.32
CA ALA B 193 8.94 32.83 3.19
C ALA B 193 10.01 33.86 3.64
N THR B 194 9.75 34.58 4.73
CA THR B 194 10.70 35.61 5.14
C THR B 194 12.00 35.02 5.63
N PHE B 195 12.10 33.69 5.66
CA PHE B 195 13.34 33.08 6.06
C PHE B 195 14.24 32.75 4.88
N TRP B 196 13.65 32.30 3.79
CA TRP B 196 14.43 32.07 2.58
C TRP B 196 14.91 33.42 1.99
N GLN B 197 14.09 34.45 2.19
CA GLN B 197 14.33 35.76 1.58
C GLN B 197 15.40 36.55 2.32
N ASN B 198 15.94 35.93 3.36
CA ASN B 198 17.07 36.48 4.09
C ASN B 198 18.36 35.95 3.48
N PRO B 199 19.12 36.83 2.81
CA PRO B 199 20.31 36.40 2.07
C PRO B 199 21.47 36.16 3.02
N ARG B 200 21.24 36.43 4.30
CA ARG B 200 22.24 36.06 5.30
C ARG B 200 22.09 34.59 5.71
N ASN B 201 21.02 33.93 5.26
CA ASN B 201 20.69 32.59 5.73
C ASN B 201 21.30 31.44 4.95
N HIS B 202 21.88 30.49 5.69
CA HIS B 202 22.66 29.43 5.04
C HIS B 202 22.16 28.02 5.35
N PHE B 203 21.90 27.31 4.27
CA PHE B 203 21.29 25.99 4.31
C PHE B 203 22.27 25.00 3.75
N ARG B 204 22.62 23.99 4.54
CA ARG B 204 23.47 22.94 4.01
C ARG B 204 22.81 21.59 4.15
N CYS B 205 22.86 20.84 3.05
CA CYS B 205 22.52 19.43 3.00
C CYS B 205 23.75 18.53 3.17
N GLN B 206 23.71 17.71 4.23
CA GLN B 206 24.80 16.86 4.59
C GLN B 206 24.42 15.39 4.47
N VAL B 207 25.17 14.62 3.69
CA VAL B 207 24.92 13.20 3.65
C VAL B 207 26.17 12.45 4.06
N GLN B 208 26.04 11.70 5.14
CA GLN B 208 27.12 10.87 5.62
C GLN B 208 27.08 9.56 4.85
N PHE B 209 28.20 9.18 4.25
CA PHE B 209 28.26 7.94 3.49
C PHE B 209 29.15 6.91 4.19
N TYR B 210 28.72 5.65 4.19
CA TYR B 210 29.47 4.55 4.80
C TYR B 210 29.96 3.54 3.75
N GLY B 211 31.25 3.59 3.42
CA GLY B 211 31.77 2.80 2.33
C GLY B 211 33.00 2.07 2.80
N LEU B 212 34.10 2.23 2.08
CA LEU B 212 35.37 1.56 2.37
C LEU B 212 36.17 2.21 3.50
N SER B 213 37.17 1.49 3.99
CA SER B 213 38.07 2.05 4.97
C SER B 213 39.38 2.24 4.27
N GLU B 214 40.28 2.92 4.95
CA GLU B 214 41.58 3.27 4.41
C GLU B 214 42.34 2.02 4.01
N ASN B 215 42.11 0.93 4.74
CA ASN B 215 42.92 -0.26 4.60
C ASN B 215 42.54 -1.16 3.43
N ASP B 216 41.39 -0.89 2.80
CA ASP B 216 41.02 -1.65 1.60
C ASP B 216 41.93 -1.19 0.47
N GLU B 217 42.49 -2.12 -0.28
CA GLU B 217 43.34 -1.73 -1.40
C GLU B 217 42.54 -1.18 -2.57
N TRP B 218 43.14 -0.26 -3.33
CA TRP B 218 42.40 0.47 -4.37
C TRP B 218 43.14 0.74 -5.68
N THR B 219 42.57 0.22 -6.75
CA THR B 219 43.21 0.19 -8.05
C THR B 219 42.56 1.14 -9.06
N GLN B 220 41.32 1.51 -8.81
CA GLN B 220 40.59 2.30 -9.80
C GLN B 220 41.26 3.65 -9.90
N ASP B 221 41.16 4.25 -11.08
CA ASP B 221 41.71 5.58 -11.31
C ASP B 221 40.73 6.58 -10.74
N ARG B 222 40.50 6.48 -9.45
CA ARG B 222 39.78 7.52 -8.74
C ARG B 222 39.81 7.44 -7.22
N ALA B 223 39.22 8.44 -6.58
CA ALA B 223 39.27 8.54 -5.15
C ALA B 223 38.65 7.28 -4.60
N LYS B 224 39.41 6.57 -3.78
CA LYS B 224 38.93 5.40 -3.09
C LYS B 224 37.59 5.78 -2.45
N PRO B 225 36.52 5.03 -2.76
CA PRO B 225 35.23 5.46 -2.25
C PRO B 225 35.11 5.10 -0.77
N VAL B 226 35.89 5.81 0.05
CA VAL B 226 35.91 5.62 1.49
C VAL B 226 34.73 6.30 2.20
N THR B 227 34.35 5.74 3.35
CA THR B 227 33.44 6.43 4.25
C THR B 227 33.83 7.93 4.28
N GLN B 228 32.84 8.77 4.04
CA GLN B 228 33.09 10.17 3.82
C GLN B 228 31.78 10.97 3.86
N ILE B 229 31.92 12.29 4.04
CA ILE B 229 30.79 13.20 3.98
C ILE B 229 30.74 13.87 2.60
N VAL B 230 29.53 14.01 2.08
CA VAL B 230 29.33 14.81 0.89
C VAL B 230 28.17 15.79 1.13
N SER B 231 28.37 17.04 0.72
CA SER B 231 27.41 18.10 0.99
C SER B 231 27.00 18.95 -0.22
N ALA B 232 25.91 19.70 -0.04
CA ALA B 232 25.56 20.76 -0.97
C ALA B 232 24.93 21.89 -0.15
N GLU B 233 24.84 23.10 -0.72
CA GLU B 233 24.53 24.31 0.06
C GLU B 233 23.85 25.44 -0.73
N ALA B 234 23.14 26.32 -0.01
CA ALA B 234 22.51 27.49 -0.62
C ALA B 234 22.31 28.59 0.41
N TRP B 235 22.32 29.84 -0.04
CA TRP B 235 21.99 30.99 0.81
C TRP B 235 20.59 31.48 0.46
N GLY B 236 19.99 32.27 1.37
CA GLY B 236 18.71 32.93 1.10
C GLY B 236 18.70 33.77 -0.17
N ARG B 237 17.64 34.55 -0.36
CA ARG B 237 17.47 35.29 -1.62
C ARG B 237 16.26 36.22 -1.67
N ALA B 238 16.47 37.43 -2.19
CA ALA B 238 15.38 38.29 -2.63
C ALA B 238 14.36 38.61 -1.53
N GLN C 1 -17.87 16.42 9.29
CA GLN C 1 -18.60 16.17 10.55
C GLN C 1 -18.46 14.70 10.94
N VAL C 2 -18.37 13.84 9.92
CA VAL C 2 -18.29 12.39 10.12
C VAL C 2 -16.86 11.92 9.91
N GLU C 3 -16.36 11.11 10.84
CA GLU C 3 -14.95 10.73 10.84
C GLU C 3 -14.76 9.23 11.05
N GLN C 4 -14.04 8.58 10.15
CA GLN C 4 -13.92 7.13 10.27
C GLN C 4 -12.49 6.72 10.61
N SER C 5 -12.34 5.56 11.24
CA SER C 5 -11.02 5.16 11.69
C SER C 5 -10.91 3.63 11.81
N PRO C 6 -9.79 3.06 11.33
CA PRO C 6 -8.67 3.78 10.73
C PRO C 6 -9.02 4.10 9.29
N ALA C 7 -8.07 4.57 8.48
CA ALA C 7 -8.36 4.83 7.07
C ALA C 7 -8.32 3.53 6.29
N SER C 8 -7.54 2.59 6.80
CA SER C 8 -7.30 1.34 6.12
C SER C 8 -6.62 0.40 7.09
N LEU C 9 -6.89 -0.91 6.96
CA LEU C 9 -6.15 -1.92 7.70
C LEU C 9 -6.15 -3.29 7.04
N VAL C 10 -5.20 -4.12 7.43
CA VAL C 10 -5.02 -5.42 6.83
C VAL C 10 -4.90 -6.40 7.97
N LEU C 11 -5.78 -7.41 8.01
CA LEU C 11 -5.64 -8.47 9.02
C LEU C 11 -5.76 -9.88 8.49
N GLN C 12 -5.27 -10.83 9.27
CA GLN C 12 -5.30 -12.22 8.87
C GLN C 12 -6.71 -12.64 9.05
N GLU C 13 -7.21 -13.50 8.18
CA GLU C 13 -8.58 -14.01 8.32
C GLU C 13 -8.71 -14.60 9.71
N GLY C 14 -9.90 -14.47 10.29
CA GLY C 14 -10.16 -15.01 11.61
C GLY C 14 -10.06 -14.02 12.77
N GLU C 15 -9.36 -12.92 12.54
CA GLU C 15 -9.21 -11.88 13.51
C GLU C 15 -10.46 -11.02 13.54
N ASN C 16 -10.76 -10.41 14.68
CA ASN C 16 -11.95 -9.58 14.80
C ASN C 16 -11.58 -8.14 14.49
N ALA C 17 -12.53 -7.36 13.99
CA ALA C 17 -12.24 -6.05 13.42
C ALA C 17 -13.17 -4.95 13.93
N GLU C 18 -12.62 -3.90 14.53
CA GLU C 18 -13.46 -2.81 15.03
C GLU C 18 -13.24 -1.50 14.28
N LEU C 19 -14.26 -1.04 13.57
CA LEU C 19 -14.11 0.13 12.73
C LEU C 19 -14.84 1.24 13.43
N GLN C 20 -14.44 2.49 13.17
CA GLN C 20 -14.91 3.63 13.93
C GLN C 20 -15.60 4.69 13.08
N CYS C 21 -16.68 5.23 13.62
CA CYS C 21 -17.36 6.39 13.07
C CYS C 21 -17.63 7.33 14.23
N THR C 22 -17.34 8.61 14.01
CA THR C 22 -17.52 9.65 15.01
C THR C 22 -18.21 10.85 14.38
N TYR C 23 -19.32 11.27 14.97
CA TYR C 23 -20.08 12.37 14.41
C TYR C 23 -20.05 13.60 15.32
N SER C 24 -20.22 14.76 14.71
CA SER C 24 -20.17 16.00 15.43
C SER C 24 -21.37 16.25 16.35
N THR C 25 -22.59 16.21 15.83
CA THR C 25 -23.74 16.58 16.65
C THR C 25 -24.53 15.37 17.15
N THR C 26 -25.76 15.62 17.59
CA THR C 26 -26.72 14.55 17.86
C THR C 26 -27.18 13.95 16.53
N LEU C 27 -27.04 12.63 16.37
CA LEU C 27 -27.55 11.99 15.18
C LEU C 27 -29.01 11.75 15.39
N ASN C 28 -29.57 10.96 14.48
CA ASN C 28 -30.93 10.45 14.58
C ASN C 28 -30.85 8.96 14.33
N SER C 29 -30.27 8.62 13.21
CA SER C 29 -30.03 7.23 12.88
C SER C 29 -28.67 7.15 12.21
N MET C 30 -28.15 5.95 12.05
CA MET C 30 -26.85 5.80 11.42
C MET C 30 -26.74 4.44 10.74
N GLN C 31 -26.26 4.46 9.50
CA GLN C 31 -26.18 3.26 8.67
C GLN C 31 -24.76 2.92 8.25
N TRP C 32 -24.42 1.66 8.25
CA TRP C 32 -23.17 1.24 7.64
C TRP C 32 -23.42 0.52 6.33
N PHE C 33 -22.64 0.92 5.32
CA PHE C 33 -22.64 0.25 4.03
C PHE C 33 -21.28 -0.36 3.73
N TYR C 34 -21.25 -1.20 2.69
CA TYR C 34 -20.05 -1.92 2.24
C TYR C 34 -20.01 -2.04 0.74
N GLN C 35 -18.81 -1.91 0.20
CA GLN C 35 -18.66 -1.88 -1.24
C GLN C 35 -17.29 -2.37 -1.68
N ARG C 36 -17.26 -3.47 -2.41
CA ARG C 36 -16.01 -3.90 -3.04
C ARG C 36 -15.67 -2.97 -4.21
N PRO C 37 -14.39 -2.86 -4.55
CA PRO C 37 -14.16 -2.04 -5.74
C PRO C 37 -14.91 -2.67 -6.94
N GLY C 38 -15.65 -1.84 -7.67
CA GLY C 38 -16.42 -2.32 -8.80
C GLY C 38 -17.87 -2.62 -8.43
N GLY C 39 -18.08 -3.06 -7.19
CA GLY C 39 -19.42 -3.39 -6.72
C GLY C 39 -20.29 -2.20 -6.35
N ARG C 40 -21.45 -2.48 -5.74
CA ARG C 40 -22.42 -1.44 -5.40
C ARG C 40 -22.57 -1.34 -3.88
N LEU C 41 -23.36 -0.36 -3.43
CA LEU C 41 -23.41 -0.01 -2.01
C LEU C 41 -24.37 -0.81 -1.15
N VAL C 42 -23.84 -1.73 -0.39
CA VAL C 42 -24.67 -2.64 0.32
C VAL C 42 -24.93 -2.15 1.75
N SER C 43 -26.21 -2.04 2.11
CA SER C 43 -26.57 -1.65 3.44
C SER C 43 -26.35 -2.80 4.43
N LEU C 44 -25.34 -2.64 5.28
CA LEU C 44 -24.94 -3.67 6.20
C LEU C 44 -25.75 -3.51 7.49
N LEU C 45 -25.94 -2.27 7.94
CA LEU C 45 -26.49 -2.10 9.28
C LEU C 45 -27.30 -0.84 9.41
N TYR C 46 -28.45 -0.96 10.08
CA TYR C 46 -29.21 0.21 10.46
C TYR C 46 -29.33 0.31 11.97
N SER C 47 -29.21 1.53 12.47
CA SER C 47 -29.36 1.75 13.89
C SER C 47 -29.99 3.07 14.14
N PRO C 48 -31.27 3.06 14.53
CA PRO C 48 -31.80 4.32 15.03
C PRO C 48 -31.17 4.46 16.39
N SER C 49 -31.30 5.63 16.99
CA SER C 49 -30.82 5.88 18.34
C SER C 49 -31.02 4.70 19.34
N GLU C 52 -27.22 -2.40 17.32
CA GLU C 52 -27.84 -3.10 16.16
C GLU C 52 -27.05 -4.31 15.63
N GLN C 53 -27.70 -5.07 14.76
CA GLN C 53 -27.10 -6.27 14.20
C GLN C 53 -27.47 -6.50 12.73
N ARG C 54 -26.80 -7.46 12.10
CA ARG C 54 -27.18 -7.96 10.80
C ARG C 54 -26.83 -9.42 10.77
N GLY C 55 -27.84 -10.29 10.83
CA GLY C 55 -27.60 -11.72 10.76
C GLY C 55 -26.76 -12.24 11.93
N GLY C 56 -26.00 -11.33 12.57
CA GLY C 56 -25.26 -11.63 13.78
C GLY C 56 -23.74 -11.50 13.77
N ARG C 57 -23.12 -11.70 12.61
CA ARG C 57 -21.64 -11.75 12.48
C ARG C 57 -20.97 -10.37 12.50
N LEU C 58 -21.78 -9.34 12.29
CA LEU C 58 -21.37 -7.95 12.40
C LEU C 58 -22.32 -7.34 13.38
N THR C 59 -21.80 -6.41 14.17
CA THR C 59 -22.63 -5.74 15.16
C THR C 59 -22.16 -4.30 15.29
N SER C 60 -22.88 -3.51 16.08
CA SER C 60 -22.52 -2.11 16.25
C SER C 60 -22.80 -1.55 17.65
N SER C 61 -22.19 -0.40 17.93
CA SER C 61 -22.22 0.23 19.23
C SER C 61 -22.26 1.72 19.09
N ALA C 62 -22.89 2.38 20.05
CA ALA C 62 -22.77 3.80 20.20
C ALA C 62 -22.23 4.04 21.60
N ALA C 63 -21.95 5.30 21.93
CA ALA C 63 -21.31 5.58 23.19
C ALA C 63 -21.58 6.98 23.67
N SER C 64 -20.81 7.40 24.67
CA SER C 64 -21.10 8.62 25.36
C SER C 64 -19.86 9.06 26.09
N ASN C 65 -19.50 10.33 25.92
CA ASN C 65 -20.37 11.29 25.24
C ASN C 65 -20.20 11.49 23.74
N GLU C 66 -18.97 11.65 23.27
CA GLU C 66 -18.76 11.77 21.83
C GLU C 66 -19.63 10.71 21.19
N SER C 67 -20.44 11.13 20.23
CA SER C 67 -21.26 10.18 19.53
C SER C 67 -20.36 9.23 18.73
N ARG C 68 -19.72 8.29 19.43
CA ARG C 68 -18.77 7.35 18.83
C ARG C 68 -19.42 6.02 18.49
N SER C 69 -19.96 5.93 17.29
CA SER C 69 -20.46 4.66 16.76
C SER C 69 -19.28 3.79 16.31
N SER C 70 -19.38 2.48 16.53
CA SER C 70 -18.34 1.61 16.00
C SER C 70 -18.85 0.21 15.62
N LEU C 71 -18.21 -0.41 14.65
CA LEU C 71 -18.68 -1.63 14.04
C LEU C 71 -17.78 -2.78 14.38
N HIS C 72 -18.34 -3.93 14.74
CA HIS C 72 -17.53 -5.09 15.12
C HIS C 72 -17.74 -6.19 14.09
N ILE C 73 -16.61 -6.70 13.57
CA ILE C 73 -16.56 -7.78 12.59
C ILE C 73 -15.86 -9.02 13.15
N SER C 74 -16.66 -9.99 13.57
CA SER C 74 -16.15 -11.23 14.12
C SER C 74 -15.64 -12.20 13.03
N SER C 75 -14.61 -12.95 13.37
CA SER C 75 -13.98 -13.89 12.43
C SER C 75 -13.97 -13.40 10.98
N SER C 76 -13.32 -12.26 10.72
CA SER C 76 -13.20 -11.80 9.34
C SER C 76 -12.68 -12.90 8.40
N GLN C 77 -13.21 -12.88 7.18
CA GLN C 77 -12.79 -13.80 6.13
C GLN C 77 -12.56 -12.99 4.89
N ILE C 78 -11.80 -13.56 3.95
CA ILE C 78 -11.31 -12.84 2.79
C ILE C 78 -12.42 -12.01 2.14
N THR C 79 -13.60 -12.60 2.08
CA THR C 79 -14.75 -11.96 1.47
C THR C 79 -15.29 -10.78 2.29
N ASP C 80 -14.56 -10.36 3.32
CA ASP C 80 -14.99 -9.20 4.07
C ASP C 80 -14.26 -7.99 3.52
N SER C 81 -13.20 -8.30 2.77
CA SER C 81 -12.39 -7.26 2.17
C SER C 81 -13.29 -6.32 1.37
N GLY C 82 -13.18 -5.03 1.60
CA GLY C 82 -13.92 -4.06 0.81
C GLY C 82 -13.74 -2.67 1.42
N THR C 83 -14.67 -1.77 1.10
CA THR C 83 -14.74 -0.45 1.68
C THR C 83 -15.95 -0.36 2.62
N TYR C 84 -15.73 0.04 3.86
CA TYR C 84 -16.81 0.20 4.80
C TYR C 84 -17.08 1.66 5.07
N LEU C 85 -18.30 2.10 4.72
CA LEU C 85 -18.69 3.49 4.92
C LEU C 85 -19.74 3.70 6.00
N CYS C 86 -19.69 4.89 6.59
CA CYS C 86 -20.51 5.25 7.72
C CYS C 86 -21.35 6.42 7.25
N ALA C 87 -22.66 6.29 7.32
CA ALA C 87 -23.53 7.40 6.98
C ALA C 87 -24.35 7.80 8.20
N ILE C 88 -24.42 9.09 8.49
CA ILE C 88 -25.27 9.55 9.57
C ILE C 88 -26.37 10.43 9.02
N ALA C 89 -27.60 10.22 9.49
CA ALA C 89 -28.72 11.04 9.07
C ALA C 89 -29.28 11.76 10.29
N SER C 90 -29.11 13.07 10.34
CA SER C 90 -29.41 13.86 11.55
C SER C 90 -30.87 14.22 11.74
N SER C 91 -31.75 13.65 10.93
CA SER C 91 -33.19 13.82 11.11
C SER C 91 -33.83 12.62 10.45
N SER C 92 -35.14 12.49 10.55
CA SER C 92 -35.79 11.39 9.84
C SER C 92 -35.68 11.59 8.32
N PHE C 93 -35.44 12.82 7.88
CA PHE C 93 -35.43 13.17 6.45
C PHE C 93 -34.17 13.85 5.91
N SER C 94 -33.41 14.54 6.75
CA SER C 94 -32.21 15.23 6.26
C SER C 94 -31.18 14.24 5.74
N LYS C 95 -30.53 14.61 4.64
CA LYS C 95 -29.71 13.70 3.84
C LYS C 95 -28.56 13.08 4.63
N LEU C 96 -28.26 11.84 4.30
CA LEU C 96 -27.12 11.17 4.88
C LEU C 96 -25.83 11.96 4.62
N VAL C 97 -24.91 11.87 5.57
CA VAL C 97 -23.61 12.50 5.45
C VAL C 97 -22.65 11.36 5.63
N PHE C 98 -21.91 11.02 4.56
CA PHE C 98 -21.07 9.83 4.55
C PHE C 98 -19.64 10.09 5.02
N GLY C 99 -19.18 9.28 5.97
CA GLY C 99 -17.81 9.37 6.45
C GLY C 99 -16.90 9.10 5.27
N GLN C 100 -15.61 8.90 5.52
CA GLN C 100 -14.72 8.69 4.37
C GLN C 100 -14.44 7.24 4.01
N GLY C 101 -15.02 6.31 4.74
CA GLY C 101 -14.79 4.93 4.44
C GLY C 101 -13.51 4.44 5.06
N THR C 102 -13.43 3.12 5.21
CA THR C 102 -12.26 2.47 5.77
C THR C 102 -11.97 1.36 4.79
N SER C 103 -10.71 1.19 4.43
CA SER C 103 -10.41 0.12 3.50
C SER C 103 -10.05 -1.08 4.31
N LEU C 104 -10.87 -2.11 4.21
CA LEU C 104 -10.56 -3.35 4.91
C LEU C 104 -9.99 -4.42 3.95
N SER C 105 -8.83 -4.94 4.31
CA SER C 105 -8.25 -6.02 3.56
C SER C 105 -7.98 -7.20 4.48
N VAL C 106 -8.71 -8.28 4.22
CA VAL C 106 -8.56 -9.52 4.97
C VAL C 106 -7.75 -10.50 4.13
N VAL C 107 -6.75 -11.07 4.77
CA VAL C 107 -5.71 -11.80 4.10
C VAL C 107 -5.58 -13.18 4.74
N PRO C 108 -5.66 -14.23 3.91
CA PRO C 108 -5.61 -15.63 4.30
C PRO C 108 -4.42 -16.02 5.20
N ASN C 109 -4.65 -17.06 6.01
CA ASN C 109 -3.59 -17.72 6.79
C ASN C 109 -3.01 -18.90 6.01
N ILE C 110 -1.89 -18.65 5.35
CA ILE C 110 -1.27 -19.70 4.54
C ILE C 110 -0.44 -20.63 5.42
N GLN C 111 -0.95 -21.83 5.65
CA GLN C 111 -0.29 -22.81 6.53
C GLN C 111 1.01 -23.28 5.91
N ASN C 112 0.89 -23.92 4.76
CA ASN C 112 2.04 -24.47 4.05
C ASN C 112 2.30 -23.62 2.85
N PRO C 113 3.08 -22.57 3.04
CA PRO C 113 3.36 -21.71 1.90
C PRO C 113 4.34 -22.42 0.95
N ASP C 114 4.18 -22.16 -0.34
CA ASP C 114 5.02 -22.82 -1.33
C ASP C 114 5.47 -21.86 -2.43
N PRO C 115 6.15 -20.76 -2.06
CA PRO C 115 6.51 -19.72 -3.02
C PRO C 115 7.00 -20.36 -4.31
N ALA C 116 6.26 -20.16 -5.40
CA ALA C 116 6.70 -20.72 -6.67
C ALA C 116 6.39 -19.77 -7.80
N VAL C 117 7.08 -19.95 -8.91
CA VAL C 117 6.74 -19.19 -10.10
C VAL C 117 6.72 -20.09 -11.32
N TYR C 118 5.61 -20.10 -12.04
CA TYR C 118 5.48 -21.00 -13.18
C TYR C 118 5.31 -20.29 -14.51
N GLN C 119 5.52 -21.04 -15.60
CA GLN C 119 5.27 -20.55 -16.94
C GLN C 119 3.98 -21.18 -17.47
N LEU C 120 3.05 -20.33 -17.90
CA LEU C 120 1.79 -20.79 -18.47
C LEU C 120 1.75 -20.46 -19.95
N ARG C 121 1.69 -21.47 -20.81
CA ARG C 121 1.61 -21.21 -22.25
C ARG C 121 0.15 -21.18 -22.73
N ASP C 122 -0.10 -20.41 -23.77
CA ASP C 122 -1.44 -20.18 -24.29
C ASP C 122 -2.02 -21.42 -24.99
N SER C 129 2.33 -16.59 -23.93
CA SER C 129 2.68 -17.07 -22.57
C SER C 129 2.58 -16.06 -21.38
N VAL C 130 2.37 -16.60 -20.19
CA VAL C 130 2.19 -15.82 -18.96
C VAL C 130 3.00 -16.40 -17.78
N CYS C 131 3.39 -15.53 -16.84
CA CYS C 131 4.12 -15.94 -15.63
C CYS C 131 3.30 -15.85 -14.34
N LEU C 132 3.33 -16.90 -13.54
CA LEU C 132 2.42 -17.00 -12.43
C LEU C 132 3.16 -17.13 -11.14
N PHE C 133 3.21 -16.01 -10.39
CA PHE C 133 3.68 -16.01 -8.99
C PHE C 133 2.61 -16.58 -8.05
N THR C 134 2.96 -17.55 -7.21
CA THR C 134 1.89 -18.23 -6.47
C THR C 134 2.33 -18.89 -5.17
N ASP C 135 1.33 -19.09 -4.30
CA ASP C 135 1.48 -19.89 -3.10
C ASP C 135 2.47 -19.30 -2.12
N PHE C 136 2.68 -18.00 -2.21
CA PHE C 136 3.50 -17.33 -1.22
C PHE C 136 2.65 -16.99 -0.01
N ASP C 137 3.28 -16.89 1.15
CA ASP C 137 2.50 -16.67 2.34
C ASP C 137 2.22 -15.18 2.44
N SER C 138 1.16 -14.83 3.16
CA SER C 138 0.56 -13.53 3.01
C SER C 138 1.43 -12.32 3.30
N GLN C 139 2.41 -12.48 4.18
CA GLN C 139 3.31 -11.36 4.48
C GLN C 139 3.83 -10.65 3.22
N THR C 140 4.00 -11.42 2.15
CA THR C 140 4.59 -10.97 0.89
C THR C 140 3.76 -9.89 0.12
N ASN C 141 4.45 -9.00 -0.59
CA ASN C 141 3.80 -7.95 -1.38
C ASN C 141 4.37 -7.75 -2.79
N VAL C 142 3.50 -7.43 -3.75
CA VAL C 142 3.89 -7.48 -5.18
C VAL C 142 3.93 -6.12 -5.83
N SER C 143 5.04 -5.81 -6.47
CA SER C 143 5.23 -4.50 -7.08
C SER C 143 5.14 -4.53 -8.61
N GLN C 144 4.51 -3.49 -9.18
CA GLN C 144 4.59 -3.24 -10.64
C GLN C 144 6.04 -3.06 -11.11
N SER C 145 6.32 -3.34 -12.38
CA SER C 145 7.67 -3.13 -12.88
C SER C 145 7.84 -1.67 -13.30
N LYS C 146 9.08 -1.19 -13.27
CA LYS C 146 9.43 0.09 -13.85
C LYS C 146 9.43 -0.06 -15.36
N ASP C 147 9.55 -1.31 -15.81
CA ASP C 147 9.57 -1.68 -17.21
C ASP C 147 8.21 -1.44 -17.84
N SER C 148 8.09 -0.38 -18.63
CA SER C 148 6.79 0.10 -19.09
C SER C 148 6.09 -0.74 -20.15
N ASP C 149 6.64 -1.91 -20.46
CA ASP C 149 5.91 -2.87 -21.28
C ASP C 149 5.95 -4.27 -20.71
N VAL C 150 5.91 -4.35 -19.38
CA VAL C 150 5.72 -5.61 -18.66
C VAL C 150 4.55 -5.42 -17.71
N TYR C 151 3.71 -6.45 -17.60
CA TYR C 151 2.43 -6.33 -16.90
C TYR C 151 2.33 -7.25 -15.71
N ILE C 152 2.27 -6.67 -14.51
CA ILE C 152 2.17 -7.47 -13.29
C ILE C 152 0.92 -7.06 -12.52
N THR C 153 0.19 -8.05 -12.00
CA THR C 153 -1.03 -7.77 -11.25
C THR C 153 -0.81 -7.81 -9.74
N ASP C 154 -1.77 -7.30 -8.98
CA ASP C 154 -1.65 -7.38 -7.55
C ASP C 154 -2.07 -8.78 -7.15
N LYS C 155 -1.59 -9.23 -6.00
CA LYS C 155 -1.95 -10.55 -5.55
C LYS C 155 -3.44 -10.57 -5.37
N CYS C 156 -4.04 -11.73 -5.61
CA CYS C 156 -5.34 -11.99 -5.04
C CYS C 156 -5.41 -13.41 -4.48
N VAL C 157 -6.37 -13.63 -3.59
CA VAL C 157 -6.51 -14.90 -2.92
C VAL C 157 -7.65 -15.69 -3.56
N LEU C 158 -7.40 -16.97 -3.77
CA LEU C 158 -8.37 -17.83 -4.39
C LEU C 158 -8.67 -18.93 -3.38
N ASP C 159 -9.97 -19.14 -3.16
CA ASP C 159 -10.47 -20.05 -2.13
C ASP C 159 -11.07 -21.27 -2.82
N MET C 160 -10.30 -22.36 -2.81
CA MET C 160 -10.77 -23.65 -3.26
C MET C 160 -11.55 -24.25 -2.16
N ARG C 161 -12.80 -23.85 -2.08
CA ARG C 161 -13.68 -24.25 -1.01
C ARG C 161 -13.72 -25.78 -0.91
N SER C 162 -13.71 -26.45 -2.06
CA SER C 162 -13.78 -27.92 -2.10
C SER C 162 -12.81 -28.63 -1.15
N MET C 163 -11.52 -28.49 -1.46
CA MET C 163 -10.50 -29.12 -0.65
C MET C 163 -9.95 -28.10 0.34
N ASP C 164 -10.82 -27.16 0.74
CA ASP C 164 -10.52 -26.14 1.74
C ASP C 164 -9.09 -25.63 1.70
N PHE C 165 -8.77 -24.84 0.68
CA PHE C 165 -7.38 -24.45 0.50
C PHE C 165 -7.37 -23.04 -0.02
N LYS C 166 -6.52 -22.18 0.55
CA LYS C 166 -6.47 -20.80 0.10
C LYS C 166 -5.12 -20.50 -0.45
N SER C 167 -5.09 -19.80 -1.59
CA SER C 167 -3.87 -19.58 -2.34
C SER C 167 -3.70 -18.13 -2.80
N ASN C 168 -2.49 -17.60 -2.67
CA ASN C 168 -2.20 -16.23 -3.08
C ASN C 168 -1.58 -16.27 -4.45
N SER C 169 -1.86 -15.27 -5.27
CA SER C 169 -1.26 -15.30 -6.60
C SER C 169 -1.26 -13.99 -7.34
N ALA C 170 -0.35 -13.89 -8.32
CA ALA C 170 -0.26 -12.73 -9.16
C ALA C 170 0.34 -13.15 -10.50
N VAL C 171 0.16 -12.31 -11.51
CA VAL C 171 0.52 -12.67 -12.85
C VAL C 171 1.33 -11.57 -13.50
N ALA C 172 2.41 -11.99 -14.15
CA ALA C 172 3.29 -11.10 -14.87
C ALA C 172 3.29 -11.54 -16.33
N TRP C 173 3.34 -10.58 -17.25
CA TRP C 173 3.44 -10.94 -18.65
C TRP C 173 3.75 -9.73 -19.53
N SER C 174 4.38 -9.98 -20.67
CA SER C 174 4.57 -8.98 -21.72
C SER C 174 5.02 -9.65 -23.01
N ASN C 175 4.53 -9.16 -24.15
CA ASN C 175 5.01 -9.67 -25.42
C ASN C 175 6.42 -9.14 -25.69
N LYS C 176 7.39 -9.90 -25.22
CA LYS C 176 8.78 -9.51 -25.31
C LYS C 176 9.68 -10.72 -25.03
N SER C 177 10.62 -10.95 -25.94
CA SER C 177 11.55 -12.07 -25.90
C SER C 177 12.43 -12.08 -24.67
N ASP C 178 12.90 -10.90 -24.27
CA ASP C 178 13.84 -10.77 -23.16
C ASP C 178 13.21 -11.29 -21.87
N PHE C 179 11.97 -10.85 -21.64
CA PHE C 179 11.20 -11.20 -20.45
C PHE C 179 11.12 -12.72 -20.24
N ALA C 180 11.41 -13.15 -19.01
CA ALA C 180 11.37 -14.56 -18.66
C ALA C 180 10.99 -14.75 -17.18
N CYS C 181 10.30 -15.85 -16.92
CA CYS C 181 9.77 -16.11 -15.61
C CYS C 181 10.81 -16.01 -14.50
N ALA C 182 12.08 -16.07 -14.86
CA ALA C 182 13.10 -15.96 -13.82
C ALA C 182 13.18 -14.54 -13.32
N ASN C 183 12.73 -13.60 -14.14
CA ASN C 183 12.95 -12.19 -13.85
C ASN C 183 11.70 -11.33 -13.84
N ALA C 184 10.53 -11.96 -13.95
CA ALA C 184 9.25 -11.26 -13.96
C ALA C 184 8.95 -10.46 -12.68
N PHE C 185 9.49 -10.89 -11.54
CA PHE C 185 9.13 -10.26 -10.28
C PHE C 185 10.32 -9.62 -9.59
N ASN C 186 11.37 -9.38 -10.35
CA ASN C 186 12.56 -8.76 -9.80
C ASN C 186 12.29 -7.46 -9.04
N ASN C 187 11.21 -6.76 -9.41
CA ASN C 187 10.83 -5.52 -8.73
C ASN C 187 10.11 -5.75 -7.42
N SER C 188 9.73 -6.99 -7.15
CA SER C 188 9.10 -7.32 -5.88
C SER C 188 10.15 -7.90 -4.96
N ILE C 189 9.96 -7.76 -3.65
CA ILE C 189 10.72 -8.57 -2.71
C ILE C 189 9.95 -9.87 -2.56
N ILE C 190 10.59 -10.97 -2.94
CA ILE C 190 9.92 -12.27 -2.94
C ILE C 190 10.71 -13.26 -2.11
N PRO C 191 10.02 -14.12 -1.34
CA PRO C 191 10.69 -15.08 -0.47
C PRO C 191 12.00 -15.55 -1.06
N GLU C 192 13.04 -15.60 -0.26
CA GLU C 192 14.35 -15.91 -0.80
C GLU C 192 14.42 -17.37 -1.19
N ASP C 193 13.47 -18.16 -0.70
CA ASP C 193 13.37 -19.56 -1.13
C ASP C 193 12.14 -19.80 -2.05
N THR C 194 11.93 -18.89 -3.00
CA THR C 194 10.91 -19.07 -4.01
C THR C 194 11.37 -20.06 -5.07
N PHE C 195 10.52 -21.05 -5.32
CA PHE C 195 10.85 -22.17 -6.18
C PHE C 195 10.68 -21.81 -7.65
N PHE C 196 11.77 -21.85 -8.41
CA PHE C 196 11.74 -21.58 -9.86
C PHE C 196 12.04 -22.82 -10.64
N PRO C 197 10.99 -23.49 -11.17
CA PRO C 197 11.15 -24.72 -11.96
C PRO C 197 12.05 -24.54 -13.19
N SER C 198 12.75 -25.61 -13.58
CA SER C 198 13.40 -25.62 -14.89
C SER C 198 12.35 -25.56 -16.00
N ALA D 1 -31.84 -4.25 -3.88
CA ALA D 1 -33.00 -4.52 -4.75
C ALA D 1 -33.93 -3.30 -5.01
N VAL D 2 -33.28 -2.29 -5.57
CA VAL D 2 -33.82 -1.02 -6.10
C VAL D 2 -33.10 -1.02 -7.44
N THR D 3 -33.78 -0.79 -8.56
CA THR D 3 -33.01 -0.81 -9.80
C THR D 3 -32.88 0.48 -10.59
N GLN D 4 -31.85 0.53 -11.41
CA GLN D 4 -31.47 1.71 -12.16
C GLN D 4 -30.99 1.15 -13.49
N SER D 5 -31.36 1.85 -14.54
CA SER D 5 -31.01 1.49 -15.90
C SER D 5 -30.67 2.67 -16.80
N PRO D 6 -29.77 2.47 -17.78
CA PRO D 6 -28.90 1.34 -18.15
C PRO D 6 -27.82 0.95 -17.18
N ARG D 7 -27.20 -0.22 -17.39
CA ARG D 7 -26.08 -0.65 -16.53
C ARG D 7 -24.77 0.02 -16.86
N SER D 8 -24.67 0.46 -18.11
CA SER D 8 -23.52 1.20 -18.59
C SER D 8 -23.88 2.06 -19.78
N LYS D 9 -23.07 3.08 -20.04
CA LYS D 9 -23.30 3.90 -21.20
C LYS D 9 -22.05 4.56 -21.73
N VAL D 10 -21.86 4.56 -23.05
CA VAL D 10 -20.79 5.37 -23.62
C VAL D 10 -21.40 6.49 -24.46
N ALA D 11 -20.98 7.72 -24.24
CA ALA D 11 -21.54 8.83 -25.00
C ALA D 11 -20.51 9.83 -25.54
N VAL D 12 -20.88 10.61 -26.55
CA VAL D 12 -19.99 11.66 -27.02
C VAL D 12 -20.39 12.95 -26.32
N THR D 13 -19.42 13.83 -26.10
CA THR D 13 -19.72 15.17 -25.64
C THR D 13 -20.89 15.74 -26.43
N GLY D 14 -21.87 16.27 -25.70
CA GLY D 14 -23.00 16.98 -26.27
C GLY D 14 -24.17 16.04 -26.55
N GLY D 15 -24.02 14.75 -26.28
CA GLY D 15 -25.12 13.81 -26.43
C GLY D 15 -26.05 13.90 -25.23
N LYS D 16 -27.27 13.44 -25.40
CA LYS D 16 -28.21 13.24 -24.30
C LYS D 16 -28.13 11.83 -23.69
N VAL D 17 -28.03 11.77 -22.37
CA VAL D 17 -28.10 10.54 -21.63
C VAL D 17 -29.16 10.58 -20.55
N THR D 18 -29.94 9.50 -20.51
CA THR D 18 -30.98 9.37 -19.53
C THR D 18 -30.75 8.11 -18.72
N LEU D 19 -30.71 8.33 -17.41
CA LEU D 19 -30.56 7.27 -16.44
C LEU D 19 -31.85 7.22 -15.72
N SER D 20 -32.35 6.01 -15.56
CA SER D 20 -33.64 5.78 -14.96
C SER D 20 -33.54 5.08 -13.60
N CYS D 21 -34.30 5.54 -12.60
CA CYS D 21 -34.36 4.85 -11.31
C CYS D 21 -35.78 4.35 -10.96
N HIS D 22 -35.89 3.14 -10.43
CA HIS D 22 -37.18 2.58 -10.16
C HIS D 22 -37.06 1.91 -8.80
N GLN D 23 -37.97 2.19 -7.88
CA GLN D 23 -37.95 1.52 -6.59
C GLN D 23 -39.34 1.11 -6.14
N THR D 24 -39.41 -0.11 -5.59
CA THR D 24 -40.65 -0.66 -5.05
C THR D 24 -40.70 -0.85 -3.50
N ASN D 25 -39.94 -0.06 -2.76
CA ASN D 25 -39.91 -0.15 -1.31
C ASN D 25 -40.96 0.80 -0.74
N ASN D 26 -41.69 1.44 -1.64
CA ASN D 26 -42.71 2.44 -1.32
C ASN D 26 -42.06 3.54 -0.53
N HIS D 27 -40.85 3.87 -0.90
CA HIS D 27 -40.17 4.95 -0.22
C HIS D 27 -40.69 6.23 -0.85
N ASP D 28 -40.63 7.30 -0.07
CA ASP D 28 -40.98 8.64 -0.47
C ASP D 28 -39.74 9.34 -1.00
N TYR D 29 -38.65 9.33 -0.24
CA TYR D 29 -37.49 10.10 -0.64
C TYR D 29 -36.71 9.24 -1.61
N MET D 30 -36.22 9.88 -2.65
CA MET D 30 -35.25 9.34 -3.60
C MET D 30 -34.11 10.30 -3.94
N TYR D 31 -32.96 9.78 -4.32
CA TYR D 31 -31.76 10.59 -4.48
C TYR D 31 -31.02 10.16 -5.75
N TRP D 32 -30.24 11.07 -6.34
CA TRP D 32 -29.26 10.68 -7.34
C TRP D 32 -27.89 11.17 -6.93
N TYR D 33 -26.98 10.20 -6.87
CA TYR D 33 -25.58 10.45 -6.56
C TYR D 33 -24.62 10.02 -7.66
N ARG D 34 -23.44 10.63 -7.64
CA ARG D 34 -22.33 10.14 -8.43
C ARG D 34 -21.24 9.77 -7.44
N GLN D 35 -20.49 8.73 -7.75
CA GLN D 35 -19.42 8.23 -6.92
C GLN D 35 -18.19 8.10 -7.78
N ASP D 36 -17.12 8.71 -7.34
CA ASP D 36 -15.83 8.58 -8.04
C ASP D 36 -14.73 9.00 -7.10
N THR D 37 -13.52 8.48 -7.32
CA THR D 37 -12.36 8.86 -6.55
C THR D 37 -12.06 10.32 -6.89
N GLY D 38 -11.51 11.05 -5.94
CA GLY D 38 -11.32 10.56 -4.59
C GLY D 38 -12.28 11.32 -3.72
N HIS D 39 -13.33 11.85 -4.33
CA HIS D 39 -14.51 12.25 -3.60
C HIS D 39 -15.17 10.96 -3.24
N GLY D 40 -16.36 11.04 -2.69
CA GLY D 40 -17.10 9.84 -2.34
C GLY D 40 -18.35 10.05 -3.18
N LEU D 41 -19.51 9.71 -2.62
CA LEU D 41 -20.74 10.06 -3.26
C LEU D 41 -21.02 11.55 -3.14
N ARG D 42 -21.57 12.12 -4.22
CA ARG D 42 -22.00 13.52 -4.29
C ARG D 42 -23.47 13.69 -4.71
N LEU D 43 -24.23 14.49 -3.99
CA LEU D 43 -25.65 14.58 -4.26
C LEU D 43 -25.95 15.47 -5.49
N ILE D 44 -26.77 15.01 -6.43
CA ILE D 44 -27.04 15.82 -7.64
C ILE D 44 -28.44 16.44 -7.56
N HIS D 45 -29.42 15.59 -7.31
CA HIS D 45 -30.81 15.96 -7.11
C HIS D 45 -31.43 14.95 -6.19
N TYR D 46 -32.53 15.32 -5.52
CA TYR D 46 -33.33 14.37 -4.72
C TYR D 46 -34.80 14.75 -4.72
N SER D 47 -35.61 13.96 -4.04
CA SER D 47 -37.05 14.17 -4.05
C SER D 47 -37.76 13.60 -2.80
N TYR D 48 -38.66 14.43 -2.26
CA TYR D 48 -39.48 14.09 -1.10
C TYR D 48 -40.80 13.45 -1.50
N VAL D 49 -41.22 13.70 -2.74
CA VAL D 49 -42.56 13.29 -3.13
C VAL D 49 -42.74 13.40 -4.65
N ALA D 50 -43.75 12.69 -5.15
CA ALA D 50 -44.08 12.76 -6.57
C ALA D 50 -44.15 14.19 -7.06
N ASP D 51 -43.64 14.41 -8.27
CA ASP D 51 -43.80 15.71 -8.91
C ASP D 51 -42.95 16.87 -8.34
N SER D 52 -41.98 16.59 -7.47
CA SER D 52 -41.05 17.63 -7.04
C SER D 52 -39.61 17.15 -7.00
N THR D 53 -38.68 18.09 -7.04
CA THR D 53 -37.25 17.83 -7.25
C THR D 53 -36.46 18.89 -6.53
N GLU D 54 -35.29 18.52 -6.03
CA GLU D 54 -34.55 19.52 -5.33
C GLU D 54 -33.13 19.47 -5.86
N LYS D 55 -32.50 20.62 -5.90
CA LYS D 55 -31.14 20.70 -6.37
C LYS D 55 -30.30 20.03 -5.28
N GLY D 56 -29.41 19.13 -5.67
CA GLY D 56 -28.53 18.53 -4.69
C GLY D 56 -27.30 19.41 -4.52
N ASP D 57 -26.15 18.82 -4.21
CA ASP D 57 -24.92 19.60 -3.97
C ASP D 57 -24.27 19.95 -5.31
N ILE D 58 -24.49 19.12 -6.32
CA ILE D 58 -23.91 19.37 -7.63
C ILE D 58 -24.96 19.26 -8.76
N PRO D 59 -25.99 20.11 -8.74
CA PRO D 59 -27.07 20.02 -9.73
C PRO D 59 -26.61 20.41 -11.13
N ASP D 60 -25.50 21.12 -11.23
CA ASP D 60 -25.08 21.68 -12.50
C ASP D 60 -24.77 20.66 -13.59
N GLY D 61 -25.50 20.77 -14.70
CA GLY D 61 -25.27 19.97 -15.89
C GLY D 61 -26.17 18.76 -15.93
N TYR D 62 -27.00 18.66 -14.91
CA TYR D 62 -27.93 17.55 -14.75
C TYR D 62 -29.31 18.15 -14.53
N LYS D 63 -30.34 17.46 -14.99
CA LYS D 63 -31.70 17.72 -14.52
C LYS D 63 -32.31 16.45 -13.95
N ALA D 64 -33.40 16.57 -13.18
CA ALA D 64 -34.01 15.40 -12.58
C ALA D 64 -35.51 15.44 -12.82
N SER D 65 -36.15 14.27 -12.80
CA SER D 65 -37.58 14.30 -12.95
C SER D 65 -38.17 13.20 -12.07
N ARG D 66 -39.20 13.56 -11.31
CA ARG D 66 -39.89 12.60 -10.44
C ARG D 66 -41.33 12.43 -10.83
N PRO D 67 -41.56 11.66 -11.88
CA PRO D 67 -42.91 11.44 -12.41
C PRO D 67 -43.83 10.64 -11.46
N SER D 68 -43.27 9.92 -10.48
CA SER D 68 -44.09 9.06 -9.64
C SER D 68 -43.43 8.63 -8.35
N GLN D 69 -44.19 7.99 -7.48
CA GLN D 69 -43.62 7.57 -6.21
C GLN D 69 -42.48 6.60 -6.50
N GLU D 70 -42.67 5.84 -7.57
CA GLU D 70 -41.71 4.81 -8.03
C GLU D 70 -40.47 5.26 -8.81
N ASN D 71 -40.59 6.34 -9.60
CA ASN D 71 -39.56 6.65 -10.60
C ASN D 71 -38.82 7.96 -10.41
N PHE D 72 -37.52 7.92 -10.67
CA PHE D 72 -36.74 9.13 -10.60
C PHE D 72 -35.70 9.06 -11.69
N SER D 73 -35.70 10.03 -12.60
CA SER D 73 -34.80 9.99 -13.77
C SER D 73 -33.76 11.14 -13.76
N LEU D 74 -32.54 10.84 -14.24
CA LEU D 74 -31.51 11.85 -14.42
C LEU D 74 -31.12 12.06 -15.90
N ILE D 75 -31.19 13.31 -16.38
CA ILE D 75 -30.93 13.61 -17.80
C ILE D 75 -29.67 14.48 -17.93
N LEU D 76 -28.71 14.01 -18.72
CA LEU D 76 -27.55 14.82 -19.04
C LEU D 76 -27.75 15.27 -20.46
N GLU D 77 -27.95 16.57 -20.63
CA GLU D 77 -28.41 17.07 -21.90
C GLU D 77 -27.36 17.39 -22.95
N LEU D 78 -26.23 17.92 -22.53
CA LEU D 78 -25.10 18.08 -23.40
C LEU D 78 -23.94 17.55 -22.65
N ALA D 79 -23.54 16.32 -22.99
CA ALA D 79 -22.57 15.56 -22.22
C ALA D 79 -21.13 16.03 -22.26
N SER D 80 -20.55 16.08 -21.07
CA SER D 80 -19.18 16.49 -20.85
C SER D 80 -18.27 15.43 -20.23
N LEU D 81 -16.96 15.65 -20.34
CA LEU D 81 -15.98 14.72 -19.84
C LEU D 81 -16.13 14.55 -18.32
N SER D 82 -16.45 15.65 -17.64
CA SER D 82 -16.59 15.67 -16.18
C SER D 82 -17.79 14.88 -15.70
N GLN D 83 -18.68 14.49 -16.62
CA GLN D 83 -19.82 13.69 -16.19
C GLN D 83 -19.53 12.18 -16.23
N THR D 84 -18.34 11.83 -16.67
CA THR D 84 -17.85 10.48 -16.48
C THR D 84 -17.79 10.17 -15.02
N ALA D 85 -18.49 9.12 -14.59
CA ALA D 85 -18.53 8.76 -13.17
C ALA D 85 -19.37 7.50 -12.99
N VAL D 86 -19.51 7.01 -11.74
CA VAL D 86 -20.53 5.99 -11.53
C VAL D 86 -21.76 6.61 -10.88
N TYR D 87 -22.93 6.38 -11.47
CA TYR D 87 -24.12 6.98 -10.89
C TYR D 87 -24.95 5.95 -10.21
N PHE D 88 -25.26 6.24 -8.94
CA PHE D 88 -26.20 5.46 -8.13
C PHE D 88 -27.41 6.27 -7.85
N CYS D 89 -28.59 5.67 -7.93
CA CYS D 89 -29.80 6.31 -7.41
C CYS D 89 -30.09 5.63 -6.09
N ALA D 90 -30.92 6.26 -5.26
CA ALA D 90 -31.28 5.66 -3.97
C ALA D 90 -32.70 5.96 -3.50
N SER D 91 -33.16 5.25 -2.49
CA SER D 91 -34.46 5.64 -1.97
C SER D 91 -34.35 5.40 -0.48
N ARG D 92 -35.24 6.04 0.28
CA ARG D 92 -35.22 5.86 1.71
C ARG D 92 -36.54 6.20 2.30
N LEU D 93 -36.91 5.53 3.41
CA LEU D 93 -38.05 6.01 4.19
C LEU D 93 -37.55 7.16 5.06
N GLY D 94 -38.44 8.13 5.34
CA GLY D 94 -38.08 9.24 6.25
C GLY D 94 -37.97 8.99 7.73
N GLY D 95 -36.96 8.22 8.12
CA GLY D 95 -36.80 7.91 9.53
C GLY D 95 -36.31 6.48 9.60
N TYR D 96 -36.36 5.83 8.44
CA TYR D 96 -35.68 4.56 8.40
C TYR D 96 -34.45 4.54 7.51
N GLU D 97 -34.13 3.29 7.20
CA GLU D 97 -33.06 2.86 6.37
C GLU D 97 -33.03 3.31 4.91
N GLN D 98 -31.88 3.82 4.45
CA GLN D 98 -31.60 4.08 3.02
C GLN D 98 -31.06 2.91 2.16
N TYR D 99 -31.69 2.66 1.02
CA TYR D 99 -31.23 1.67 0.03
C TYR D 99 -30.68 2.19 -1.29
N PHE D 100 -29.56 1.66 -1.78
CA PHE D 100 -28.90 2.19 -2.98
C PHE D 100 -29.25 1.25 -4.16
N GLY D 101 -29.31 1.80 -5.37
CA GLY D 101 -29.44 1.02 -6.60
C GLY D 101 -28.13 0.38 -7.02
N PRO D 102 -28.18 -0.48 -8.06
CA PRO D 102 -26.97 -1.23 -8.42
C PRO D 102 -25.92 -0.43 -9.18
N GLY D 103 -26.25 0.75 -9.66
CA GLY D 103 -25.22 1.52 -10.34
C GLY D 103 -25.22 1.55 -11.85
N THR D 104 -24.74 2.65 -12.41
CA THR D 104 -24.51 2.77 -13.84
C THR D 104 -23.11 3.29 -14.06
N ARG D 105 -22.30 2.55 -14.83
CA ARG D 105 -21.02 3.09 -15.21
C ARG D 105 -21.35 3.93 -16.44
N LEU D 106 -21.00 5.22 -16.37
CA LEU D 106 -21.23 6.10 -17.51
C LEU D 106 -19.85 6.61 -17.92
N THR D 107 -19.54 6.46 -19.21
CA THR D 107 -18.31 6.97 -19.76
C THR D 107 -18.54 7.99 -20.88
N VAL D 108 -18.04 9.21 -20.74
CA VAL D 108 -18.17 10.27 -21.75
C VAL D 108 -16.86 10.53 -22.49
N LEU D 109 -16.94 10.69 -23.81
CA LEU D 109 -15.77 10.74 -24.66
C LEU D 109 -15.90 11.83 -25.72
N GLU D 110 -14.73 12.33 -26.10
CA GLU D 110 -14.60 13.32 -27.15
C GLU D 110 -15.09 12.70 -28.44
N ASP D 111 -14.74 11.44 -28.64
CA ASP D 111 -15.21 10.66 -29.76
C ASP D 111 -15.25 9.17 -29.42
N LEU D 112 -16.04 8.41 -30.18
CA LEU D 112 -16.19 6.98 -29.93
C LEU D 112 -15.08 6.14 -30.55
N LYS D 113 -14.22 6.79 -31.30
CA LYS D 113 -13.07 6.15 -31.91
C LYS D 113 -12.14 5.33 -31.00
N ASN D 114 -12.07 5.70 -29.74
CA ASN D 114 -11.12 5.09 -28.80
C ASN D 114 -11.73 3.87 -28.12
N VAL D 115 -13.00 3.61 -28.40
CA VAL D 115 -13.68 2.43 -27.90
C VAL D 115 -13.26 1.11 -28.52
N PHE D 116 -12.77 0.21 -27.67
CA PHE D 116 -12.35 -1.14 -28.07
C PHE D 116 -12.83 -2.25 -27.14
N PRO D 117 -13.21 -3.39 -27.72
CA PRO D 117 -13.57 -4.60 -26.98
C PRO D 117 -12.32 -5.33 -26.50
N PRO D 118 -12.46 -6.25 -25.54
CA PRO D 118 -11.25 -6.98 -25.14
C PRO D 118 -10.86 -8.04 -26.17
N GLU D 119 -9.57 -8.37 -26.23
CA GLU D 119 -9.13 -9.63 -26.82
C GLU D 119 -8.91 -10.55 -25.63
N VAL D 120 -9.19 -11.84 -25.77
CA VAL D 120 -9.20 -12.72 -24.59
C VAL D 120 -8.44 -14.01 -24.81
N ALA D 121 -7.57 -14.32 -23.85
CA ALA D 121 -6.71 -15.48 -23.95
C ALA D 121 -6.65 -16.26 -22.64
N VAL D 122 -6.61 -17.57 -22.75
CA VAL D 122 -6.39 -18.52 -21.65
C VAL D 122 -5.05 -19.25 -21.65
N PHE D 123 -4.45 -19.34 -20.46
CA PHE D 123 -3.20 -20.05 -20.29
C PHE D 123 -3.36 -21.29 -19.43
N GLU D 124 -2.85 -22.41 -19.94
CA GLU D 124 -3.03 -23.74 -19.35
C GLU D 124 -2.07 -23.96 -18.19
N PRO D 125 -2.46 -24.86 -17.26
CA PRO D 125 -1.69 -25.09 -16.03
C PRO D 125 -0.28 -25.53 -16.35
N SER D 126 0.67 -24.99 -15.60
CA SER D 126 2.06 -25.42 -15.67
C SER D 126 2.24 -26.86 -15.22
N GLU D 127 2.97 -27.64 -16.02
CA GLU D 127 3.23 -29.01 -15.62
C GLU D 127 4.12 -29.04 -14.37
N ALA D 128 4.96 -28.03 -14.20
CA ALA D 128 5.76 -27.92 -12.98
C ALA D 128 4.92 -27.79 -11.73
N GLU D 129 3.91 -26.93 -11.80
CA GLU D 129 2.93 -26.77 -10.73
C GLU D 129 2.27 -28.07 -10.38
N ILE D 130 1.92 -28.85 -11.40
CA ILE D 130 1.21 -30.10 -11.14
C ILE D 130 2.10 -31.11 -10.45
N SER D 131 3.28 -31.30 -11.03
CA SER D 131 4.32 -32.14 -10.45
C SER D 131 4.51 -31.76 -8.98
N HIS D 132 4.73 -30.47 -8.76
CA HIS D 132 5.04 -29.91 -7.45
C HIS D 132 3.90 -29.89 -6.40
N THR D 133 2.69 -29.56 -6.83
CA THR D 133 1.62 -29.20 -5.90
C THR D 133 0.42 -30.11 -6.01
N GLN D 134 0.32 -30.79 -7.14
CA GLN D 134 -0.86 -31.58 -7.43
C GLN D 134 -2.16 -30.77 -7.57
N LYS D 135 -2.01 -29.48 -7.87
CA LYS D 135 -3.12 -28.55 -8.10
C LYS D 135 -2.73 -27.84 -9.42
N ALA D 136 -3.69 -27.25 -10.10
CA ALA D 136 -3.51 -26.71 -11.45
C ALA D 136 -4.14 -25.31 -11.67
N THR D 137 -3.32 -24.34 -12.04
CA THR D 137 -3.84 -22.99 -12.27
C THR D 137 -3.95 -22.48 -13.70
N LEU D 138 -5.19 -22.23 -14.10
CA LEU D 138 -5.50 -21.58 -15.36
C LEU D 138 -5.57 -20.07 -15.22
N VAL D 139 -4.97 -19.37 -16.16
CA VAL D 139 -5.05 -17.91 -16.20
C VAL D 139 -5.82 -17.27 -17.37
N CYS D 140 -6.67 -16.30 -17.10
CA CYS D 140 -7.26 -15.58 -18.20
C CYS D 140 -6.82 -14.11 -18.32
N LEU D 141 -6.37 -13.73 -19.50
CA LEU D 141 -6.07 -12.34 -19.75
C LEU D 141 -6.97 -11.74 -20.77
N ALA D 142 -7.66 -10.69 -20.33
CA ALA D 142 -8.46 -9.87 -21.20
C ALA D 142 -7.62 -8.60 -21.42
N THR D 143 -7.27 -8.29 -22.67
CA THR D 143 -6.34 -7.21 -22.98
C THR D 143 -6.93 -6.29 -24.01
N GLY D 144 -6.41 -5.08 -24.03
CA GLY D 144 -6.83 -4.16 -25.04
C GLY D 144 -8.21 -3.55 -24.99
N PHE D 145 -8.88 -3.52 -23.84
CA PHE D 145 -10.26 -3.01 -23.86
C PHE D 145 -10.45 -1.56 -23.40
N TYR D 146 -11.50 -0.91 -23.90
CA TYR D 146 -11.76 0.47 -23.58
C TYR D 146 -13.19 0.90 -23.89
N PRO D 147 -13.89 1.53 -22.94
CA PRO D 147 -13.47 1.85 -21.58
C PRO D 147 -13.47 0.58 -20.76
N ASP D 148 -13.06 0.72 -19.51
CA ASP D 148 -12.79 -0.40 -18.61
C ASP D 148 -13.98 -1.04 -17.89
N HIS D 149 -15.05 -1.31 -18.63
CA HIS D 149 -16.26 -1.90 -18.04
C HIS D 149 -16.50 -3.29 -18.59
N VAL D 150 -15.95 -4.27 -17.88
CA VAL D 150 -16.12 -5.67 -18.22
C VAL D 150 -16.56 -6.50 -17.00
N GLU D 151 -17.15 -7.69 -17.23
CA GLU D 151 -17.38 -8.61 -16.14
C GLU D 151 -16.95 -9.98 -16.59
N LEU D 152 -16.07 -10.60 -15.79
CA LEU D 152 -15.44 -11.84 -16.21
C LEU D 152 -15.91 -12.97 -15.33
N SER D 153 -16.23 -14.07 -15.97
CA SER D 153 -16.70 -15.27 -15.31
C SER D 153 -16.11 -16.50 -15.96
N TRP D 154 -16.05 -17.58 -15.20
CA TRP D 154 -15.52 -18.84 -15.67
C TRP D 154 -16.64 -19.84 -15.71
N TRP D 155 -16.60 -20.72 -16.72
CA TRP D 155 -17.69 -21.64 -16.94
C TRP D 155 -16.96 -22.96 -17.11
N VAL D 156 -17.30 -23.92 -16.27
CA VAL D 156 -16.63 -25.21 -16.28
C VAL D 156 -17.68 -26.25 -16.66
N ASN D 157 -17.37 -26.98 -17.73
CA ASN D 157 -18.32 -27.92 -18.30
C ASN D 157 -19.67 -27.23 -18.51
N GLY D 158 -19.64 -25.99 -19.00
CA GLY D 158 -20.82 -25.21 -19.32
C GLY D 158 -21.59 -24.65 -18.13
N LYS D 159 -21.04 -24.82 -16.94
CA LYS D 159 -21.60 -24.25 -15.71
C LYS D 159 -20.74 -23.16 -15.03
N GLU D 160 -21.31 -21.99 -14.68
CA GLU D 160 -20.50 -20.99 -13.97
C GLU D 160 -19.96 -21.48 -12.61
N VAL D 161 -18.67 -21.24 -12.38
CA VAL D 161 -18.00 -21.65 -11.12
C VAL D 161 -17.45 -20.50 -10.26
N HIS D 162 -17.51 -20.67 -8.93
CA HIS D 162 -16.87 -19.74 -7.98
C HIS D 162 -15.73 -20.25 -7.07
N SER D 163 -15.83 -21.49 -6.60
CA SER D 163 -14.76 -22.11 -5.81
C SER D 163 -13.46 -22.07 -6.60
N GLY D 164 -12.34 -21.69 -5.99
CA GLY D 164 -11.11 -21.64 -6.75
C GLY D 164 -10.89 -20.52 -7.73
N VAL D 165 -11.73 -19.51 -7.71
CA VAL D 165 -11.56 -18.44 -8.69
C VAL D 165 -11.10 -17.19 -7.94
N CYS D 166 -10.14 -16.48 -8.52
CA CYS D 166 -10.00 -15.09 -8.15
C CYS D 166 -9.68 -14.16 -9.34
N THR D 167 -10.26 -12.98 -9.33
CA THR D 167 -10.08 -12.01 -10.40
C THR D 167 -9.51 -10.76 -9.78
N ASP D 168 -8.61 -10.07 -10.48
CA ASP D 168 -8.19 -8.76 -10.02
C ASP D 168 -9.35 -7.87 -9.66
N PRO D 169 -9.20 -7.09 -8.58
CA PRO D 169 -10.16 -6.11 -8.06
C PRO D 169 -10.52 -5.12 -9.15
N GLN D 170 -9.50 -4.68 -9.88
CA GLN D 170 -9.63 -3.79 -11.04
C GLN D 170 -8.64 -4.00 -12.18
N PRO D 171 -9.03 -3.61 -13.41
CA PRO D 171 -8.18 -3.71 -14.62
C PRO D 171 -6.91 -2.91 -14.46
N LEU D 172 -5.83 -3.23 -15.16
CA LEU D 172 -4.68 -2.33 -15.10
C LEU D 172 -4.48 -1.63 -16.45
N LYS D 173 -3.85 -0.45 -16.40
CA LYS D 173 -3.59 0.42 -17.57
C LYS D 173 -2.41 -0.06 -18.40
N GLU D 174 -2.61 -0.18 -19.70
CA GLU D 174 -1.58 -0.70 -20.57
C GLU D 174 -0.43 0.32 -20.68
N GLN D 175 -0.73 1.62 -20.66
CA GLN D 175 0.29 2.67 -20.60
C GLN D 175 -0.18 3.58 -19.48
N PRO D 176 0.14 3.21 -18.23
CA PRO D 176 -0.53 3.94 -17.16
C PRO D 176 -0.31 5.45 -17.03
N ALA D 177 0.72 6.03 -17.63
CA ALA D 177 0.89 7.49 -17.52
C ALA D 177 0.24 8.50 -18.48
N LEU D 178 -0.49 8.05 -19.51
CA LEU D 178 -1.13 8.99 -20.45
C LEU D 178 -2.66 9.12 -20.43
N ASN D 179 -3.19 9.81 -21.43
CA ASN D 179 -4.64 9.86 -21.72
C ASN D 179 -5.07 8.68 -22.61
N ASP D 180 -6.39 8.47 -22.71
CA ASP D 180 -6.92 7.42 -23.57
C ASP D 180 -6.07 6.14 -23.54
N SER D 181 -5.63 5.75 -22.34
CA SER D 181 -4.93 4.48 -22.13
C SER D 181 -5.95 3.34 -22.18
N ARG D 182 -5.55 2.20 -22.70
CA ARG D 182 -6.46 1.07 -22.76
C ARG D 182 -6.22 0.11 -21.58
N TYR D 183 -7.09 -0.87 -21.37
CA TYR D 183 -7.01 -1.67 -20.15
C TYR D 183 -6.85 -3.19 -20.34
N ALA D 184 -6.23 -3.79 -19.32
CA ALA D 184 -6.08 -5.24 -19.20
C ALA D 184 -6.62 -5.81 -17.87
N LEU D 185 -6.97 -7.10 -17.87
CA LEU D 185 -7.45 -7.78 -16.68
C LEU D 185 -7.11 -9.27 -16.67
N SER D 186 -6.67 -9.82 -15.53
CA SER D 186 -6.41 -11.26 -15.45
C SER D 186 -7.32 -11.86 -14.41
N SER D 187 -7.57 -13.15 -14.54
CA SER D 187 -8.29 -13.91 -13.54
C SER D 187 -7.65 -15.30 -13.43
N ARG D 188 -7.78 -15.96 -12.28
CA ARG D 188 -7.23 -17.29 -12.03
C ARG D 188 -8.30 -18.24 -11.67
N LEU D 189 -8.17 -19.45 -12.18
CA LEU D 189 -8.98 -20.57 -11.74
C LEU D 189 -8.11 -21.76 -11.39
N ARG D 190 -8.16 -22.20 -10.15
CA ARG D 190 -7.40 -23.37 -9.70
C ARG D 190 -8.23 -24.64 -9.50
N VAL D 191 -7.74 -25.75 -10.01
CA VAL D 191 -8.42 -27.03 -9.90
C VAL D 191 -7.46 -28.10 -9.38
N SER D 192 -7.97 -29.28 -9.00
CA SER D 192 -7.08 -30.40 -8.65
C SER D 192 -6.32 -30.85 -9.86
N ALA D 193 -5.16 -31.46 -9.68
CA ALA D 193 -4.49 -32.06 -10.82
C ALA D 193 -5.32 -33.07 -11.61
N THR D 194 -6.03 -33.95 -10.90
CA THR D 194 -6.78 -34.96 -11.64
C THR D 194 -7.96 -34.34 -12.37
N PHE D 195 -8.16 -33.03 -12.17
CA PHE D 195 -9.23 -32.38 -12.90
C PHE D 195 -8.81 -31.83 -14.25
N TRP D 196 -7.63 -31.22 -14.28
CA TRP D 196 -7.09 -30.74 -15.54
C TRP D 196 -6.75 -31.92 -16.46
N GLN D 197 -6.29 -33.03 -15.86
CA GLN D 197 -5.86 -34.22 -16.59
C GLN D 197 -7.00 -34.99 -17.24
N ASN D 198 -8.22 -34.56 -16.97
CA ASN D 198 -9.39 -35.14 -17.62
C ASN D 198 -9.66 -34.39 -18.94
N PRO D 199 -9.44 -35.05 -20.08
CA PRO D 199 -9.56 -34.41 -21.39
C PRO D 199 -11.01 -34.18 -21.82
N ARG D 200 -11.94 -34.71 -21.01
CA ARG D 200 -13.35 -34.42 -21.18
C ARG D 200 -13.74 -33.08 -20.59
N ASN D 201 -12.84 -32.47 -19.83
CA ASN D 201 -13.15 -31.24 -19.11
C ASN D 201 -12.96 -29.93 -19.84
N HIS D 202 -13.99 -29.10 -19.79
CA HIS D 202 -13.97 -27.88 -20.56
C HIS D 202 -14.05 -26.59 -19.70
N PHE D 203 -13.10 -25.70 -19.95
CA PHE D 203 -12.91 -24.48 -19.22
C PHE D 203 -13.10 -23.33 -20.17
N ARG D 204 -13.98 -22.40 -19.86
CA ARG D 204 -14.20 -21.22 -20.69
C ARG D 204 -14.10 -19.99 -19.84
N CYS D 205 -13.32 -19.05 -20.32
CA CYS D 205 -13.24 -17.73 -19.78
C CYS D 205 -14.11 -16.78 -20.58
N GLN D 206 -14.98 -16.09 -19.86
CA GLN D 206 -15.98 -15.24 -20.49
C GLN D 206 -15.82 -13.82 -19.97
N VAL D 207 -15.64 -12.87 -20.87
CA VAL D 207 -15.59 -11.46 -20.49
C VAL D 207 -16.72 -10.69 -21.17
N GLN D 208 -17.66 -10.22 -20.36
CA GLN D 208 -18.71 -9.36 -20.84
C GLN D 208 -18.20 -7.93 -20.97
N PHE D 209 -18.27 -7.39 -22.18
CA PHE D 209 -17.84 -6.01 -22.39
C PHE D 209 -19.02 -5.06 -22.59
N TYR D 210 -18.92 -3.86 -22.01
CA TYR D 210 -19.96 -2.84 -22.10
C TYR D 210 -19.45 -1.66 -22.94
N GLY D 211 -19.94 -1.53 -24.16
CA GLY D 211 -19.43 -0.57 -25.12
C GLY D 211 -20.58 0.18 -25.75
N LEU D 212 -20.58 0.25 -27.07
CA LEU D 212 -21.54 1.04 -27.82
C LEU D 212 -22.86 0.28 -28.01
N SER D 213 -23.94 1.01 -28.30
CA SER D 213 -25.17 0.34 -28.67
C SER D 213 -25.28 0.37 -30.18
N GLU D 214 -26.26 -0.37 -30.67
CA GLU D 214 -26.57 -0.47 -32.08
C GLU D 214 -26.81 0.88 -32.74
N ASN D 215 -27.31 1.84 -31.96
CA ASN D 215 -27.74 3.08 -32.58
C ASN D 215 -26.66 4.12 -32.65
N ASP D 216 -25.48 3.84 -32.12
CA ASP D 216 -24.38 4.78 -32.30
C ASP D 216 -23.99 4.63 -33.78
N GLU D 217 -23.75 5.75 -34.48
CA GLU D 217 -23.20 5.67 -35.84
C GLU D 217 -21.76 5.12 -35.90
N TRP D 218 -21.40 4.43 -36.97
CA TRP D 218 -20.04 3.88 -37.08
C TRP D 218 -19.38 3.90 -38.46
N THR D 219 -18.23 4.56 -38.49
CA THR D 219 -17.52 4.80 -39.73
C THR D 219 -16.18 4.10 -39.87
N GLN D 220 -15.73 3.45 -38.81
CA GLN D 220 -14.41 2.82 -38.85
C GLN D 220 -14.54 1.57 -39.68
N ASP D 221 -13.48 1.15 -40.32
CA ASP D 221 -13.51 -0.07 -41.12
C ASP D 221 -13.27 -1.23 -40.20
N ARG D 222 -14.23 -1.37 -39.29
CA ARG D 222 -14.30 -2.47 -38.32
C ARG D 222 -15.56 -2.70 -37.55
N ALA D 223 -15.65 -3.86 -36.91
CA ALA D 223 -16.91 -4.21 -36.30
C ALA D 223 -17.10 -3.13 -35.25
N LYS D 224 -18.32 -2.61 -35.22
CA LYS D 224 -18.71 -1.56 -34.30
C LYS D 224 -18.43 -2.13 -32.93
N PRO D 225 -17.66 -1.42 -32.11
CA PRO D 225 -17.29 -2.06 -30.84
C PRO D 225 -18.47 -1.98 -29.88
N VAL D 226 -19.52 -2.72 -30.20
CA VAL D 226 -20.75 -2.76 -29.42
C VAL D 226 -20.54 -3.62 -28.15
N THR D 227 -21.31 -3.32 -27.11
CA THR D 227 -21.55 -4.23 -25.99
C THR D 227 -21.63 -5.65 -26.56
N GLN D 228 -20.78 -6.52 -26.04
CA GLN D 228 -20.59 -7.85 -26.60
C GLN D 228 -19.84 -8.78 -25.63
N ILE D 229 -19.95 -10.08 -25.87
CA ILE D 229 -19.20 -11.05 -25.10
C ILE D 229 -18.00 -11.53 -25.89
N VAL D 230 -16.84 -11.59 -25.24
CA VAL D 230 -15.68 -12.20 -25.84
C VAL D 230 -15.10 -13.30 -24.94
N SER D 231 -14.87 -14.48 -25.51
CA SER D 231 -14.45 -15.70 -24.80
C SER D 231 -13.17 -16.37 -25.27
N ALA D 232 -12.52 -17.11 -24.37
CA ALA D 232 -11.44 -18.06 -24.69
C ALA D 232 -11.64 -19.38 -23.95
N GLU D 233 -11.16 -20.48 -24.51
CA GLU D 233 -11.43 -21.81 -23.94
C GLU D 233 -10.27 -22.81 -23.94
N ALA D 234 -10.36 -23.85 -23.11
CA ALA D 234 -9.41 -24.96 -23.08
C ALA D 234 -10.04 -26.25 -22.56
N TRP D 235 -9.61 -27.40 -23.09
CA TRP D 235 -9.96 -28.74 -22.56
C TRP D 235 -8.84 -29.28 -21.69
N GLY D 236 -9.16 -30.18 -20.76
CA GLY D 236 -8.12 -30.84 -20.00
C GLY D 236 -7.06 -31.54 -20.84
N ARG D 237 -6.23 -32.37 -20.22
CA ARG D 237 -5.06 -32.91 -20.90
C ARG D 237 -4.31 -33.97 -20.07
N ALA D 238 -3.86 -35.05 -20.73
CA ALA D 238 -2.79 -35.92 -20.21
C ALA D 238 -3.07 -36.49 -18.82
#